data_3UIL
#
_entry.id   3UIL
#
_cell.length_a   89.000
_cell.length_b   101.610
_cell.length_c   163.390
_cell.angle_alpha   90.00
_cell.angle_beta   90.00
_cell.angle_gamma   90.00
#
_symmetry.space_group_name_H-M   'I 2 2 2'
#
loop_
_entity.id
_entity.type
_entity.pdbx_description
1 polymer 'Peptidoglycan recognition protein 1'
2 non-polymer GLYCEROL
3 non-polymer 'LAURIC ACID'
4 water water
#
_entity_poly.entity_id   1
_entity_poly.type   'polypeptide(L)'
_entity_poly.pdbx_seq_one_letter_code
;EDPPACGSIVPRREWRALASECRERLTRPVRYVVVSHTAGSHCDTPASCAQQAQNVQSYHVRNLGWCDVGYNFLIGEDGL
VYEGRGWNIKGAHAGPTWNPISIGISFMGNYMNRVPPPRALRAAQNLLACGVALGALRSNYEVKGHRDVQPTLSPGDRLY
EIIQTWSHYRA
;
_entity_poly.pdbx_strand_id   A,B,C,D
#
# COMPACT_ATOMS: atom_id res chain seq x y z
N GLU A 1 -1.94 -22.53 -3.17
CA GLU A 1 -0.73 -21.67 -3.33
C GLU A 1 0.31 -21.96 -2.24
N ASP A 2 -0.03 -21.63 -0.99
CA ASP A 2 0.90 -21.74 0.13
C ASP A 2 0.41 -22.68 1.21
N PRO A 3 1.32 -23.51 1.77
CA PRO A 3 1.07 -24.25 3.00
C PRO A 3 0.93 -23.31 4.22
N PRO A 4 0.04 -23.65 5.17
CA PRO A 4 -0.60 -22.71 6.09
C PRO A 4 -0.85 -21.28 5.56
N ALA A 5 -0.70 -20.26 6.40
CA ALA A 5 -1.12 -18.89 6.03
C ALA A 5 -0.41 -17.75 6.77
N CYS A 6 -1.04 -16.57 6.73
CA CYS A 6 -0.56 -15.34 7.36
C CYS A 6 -1.55 -14.75 8.40
N GLY A 7 -1.03 -14.19 9.49
CA GLY A 7 -1.85 -13.60 10.56
C GLY A 7 -2.67 -14.61 11.31
N SER A 8 -3.27 -14.15 12.41
CA SER A 8 -4.05 -14.98 13.29
C SER A 8 -5.53 -14.60 13.25
N ILE A 9 -6.36 -15.65 13.20
CA ILE A 9 -7.78 -15.51 13.03
C ILE A 9 -8.49 -16.57 13.85
N VAL A 10 -9.48 -16.12 14.59
CA VAL A 10 -10.33 -17.01 15.31
C VAL A 10 -11.24 -17.79 14.28
N PRO A 11 -11.03 -19.12 14.15
CA PRO A 11 -11.80 -19.94 13.21
C PRO A 11 -13.25 -20.12 13.55
N ARG A 12 -14.04 -20.23 12.50
CA ARG A 12 -15.48 -20.45 12.61
C ARG A 12 -15.97 -21.32 13.79
N ARG A 13 -15.37 -22.50 13.93
CA ARG A 13 -15.70 -23.46 14.98
C ARG A 13 -15.45 -22.89 16.36
N GLU A 14 -14.35 -22.16 16.51
CA GLU A 14 -13.94 -21.62 17.80
C GLU A 14 -14.95 -20.62 18.36
N TRP A 15 -15.55 -19.81 17.50
CA TRP A 15 -16.65 -18.93 17.94
C TRP A 15 -18.04 -19.58 17.79
N ARG A 16 -18.05 -20.91 17.63
CA ARG A 16 -19.29 -21.71 17.57
C ARG A 16 -20.25 -21.27 16.47
N ALA A 17 -19.72 -21.11 15.26
CA ALA A 17 -20.51 -20.68 14.12
C ALA A 17 -21.39 -21.79 13.58
N LEU A 18 -22.58 -21.41 13.13
CA LEU A 18 -23.48 -22.31 12.35
C LEU A 18 -22.81 -22.49 11.01
N ALA A 19 -22.97 -23.67 10.40
CA ALA A 19 -22.21 -23.98 9.16
C ALA A 19 -22.66 -23.03 8.05
N SER A 20 -21.76 -22.68 7.16
CA SER A 20 -22.15 -21.78 6.11
C SER A 20 -22.97 -22.56 5.08
N GLU A 21 -23.90 -21.87 4.42
CA GLU A 21 -24.65 -22.44 3.31
C GLU A 21 -24.32 -21.65 2.02
N CYS A 22 -23.38 -20.69 2.11
CA CYS A 22 -22.96 -19.85 0.97
C CYS A 22 -22.08 -20.55 -0.05
N ARG A 23 -22.29 -20.30 -1.35
CA ARG A 23 -21.39 -20.91 -2.40
C ARG A 23 -20.80 -20.00 -3.48
N GLU A 24 -21.43 -18.85 -3.69
CA GLU A 24 -20.88 -17.82 -4.59
C GLU A 24 -19.44 -17.42 -4.20
N ARG A 25 -18.50 -17.65 -5.10
CA ARG A 25 -17.13 -17.25 -4.88
C ARG A 25 -16.85 -15.84 -5.34
N LEU A 26 -15.87 -15.22 -4.67
CA LEU A 26 -15.20 -14.02 -5.13
C LEU A 26 -14.13 -14.39 -6.15
N THR A 27 -13.65 -13.40 -6.89
CA THR A 27 -12.62 -13.60 -7.86
C THR A 27 -11.36 -12.99 -7.30
N ARG A 28 -10.34 -13.80 -7.12
CA ARG A 28 -9.01 -13.37 -6.66
C ARG A 28 -8.28 -12.70 -7.82
N PRO A 29 -7.56 -11.63 -7.57
CA PRO A 29 -7.51 -10.97 -6.26
C PRO A 29 -8.47 -9.82 -6.27
N VAL A 30 -8.94 -9.47 -5.09
CA VAL A 30 -10.05 -8.54 -4.90
C VAL A 30 -9.46 -7.18 -4.70
N ARG A 31 -10.17 -6.19 -5.20
CA ARG A 31 -9.65 -4.86 -5.31
C ARG A 31 -10.11 -4.03 -4.11
N TYR A 32 -11.29 -4.31 -3.57
CA TYR A 32 -11.86 -3.43 -2.58
C TYR A 32 -12.04 -4.05 -1.22
N VAL A 33 -11.91 -3.20 -0.20
CA VAL A 33 -12.26 -3.56 1.19
C VAL A 33 -13.23 -2.54 1.73
N VAL A 34 -14.33 -3.03 2.28
CA VAL A 34 -15.27 -2.13 2.85
C VAL A 34 -15.39 -2.32 4.32
N VAL A 35 -15.26 -1.23 5.06
CA VAL A 35 -15.23 -1.25 6.51
C VAL A 35 -16.51 -0.69 7.04
N SER A 36 -17.23 -1.56 7.76
CA SER A 36 -18.45 -1.21 8.51
C SER A 36 -18.25 -1.33 10.03
N HIS A 37 -19.28 -1.01 10.75
CA HIS A 37 -19.47 -1.39 12.07
C HIS A 37 -20.73 -2.14 12.11
N THR A 38 -20.94 -2.91 13.14
CA THR A 38 -22.14 -3.67 13.28
C THR A 38 -23.24 -2.87 13.89
N ALA A 39 -22.94 -1.66 14.38
CA ALA A 39 -23.82 -0.94 15.37
C ALA A 39 -24.43 -1.79 16.46
N GLY A 40 -23.79 -2.91 16.78
CA GLY A 40 -24.30 -3.76 17.89
C GLY A 40 -23.47 -3.56 19.14
N SER A 41 -23.73 -4.39 20.16
CA SER A 41 -23.04 -4.38 21.43
C SER A 41 -21.60 -4.61 21.19
N HIS A 42 -20.72 -3.90 21.90
CA HIS A 42 -19.30 -4.23 21.79
C HIS A 42 -18.80 -5.24 22.89
N CYS A 43 -17.54 -5.65 22.84
CA CYS A 43 -17.00 -6.65 23.74
C CYS A 43 -15.51 -6.58 23.69
N ASP A 44 -14.90 -6.85 24.83
CA ASP A 44 -13.47 -6.74 24.88
C ASP A 44 -12.71 -7.97 25.35
N THR A 45 -13.39 -9.13 25.38
CA THR A 45 -12.71 -10.37 25.78
C THR A 45 -13.01 -11.50 24.80
N PRO A 46 -12.06 -12.42 24.63
CA PRO A 46 -12.35 -13.55 23.70
C PRO A 46 -13.66 -14.27 23.98
N ALA A 47 -14.01 -14.39 25.25
CA ALA A 47 -15.27 -15.03 25.56
C ALA A 47 -16.43 -14.18 24.99
N SER A 48 -16.43 -12.89 25.32
CA SER A 48 -17.59 -12.07 25.06
C SER A 48 -17.65 -11.74 23.56
N CYS A 49 -16.50 -11.62 22.94
CA CYS A 49 -16.38 -11.40 21.53
C CYS A 49 -16.79 -12.62 20.71
N ALA A 50 -16.53 -13.86 21.16
CA ALA A 50 -17.03 -14.99 20.42
C ALA A 50 -18.55 -14.99 20.45
N GLN A 51 -19.09 -14.76 21.62
CA GLN A 51 -20.52 -14.64 21.85
C GLN A 51 -21.11 -13.68 20.87
N GLN A 52 -20.55 -12.48 20.83
CA GLN A 52 -21.03 -11.43 19.94
C GLN A 52 -21.04 -11.85 18.41
N ALA A 53 -19.95 -12.45 17.96
CA ALA A 53 -19.90 -13.01 16.65
C ALA A 53 -21.16 -13.86 16.37
N GLN A 54 -21.39 -14.84 17.23
CA GLN A 54 -22.54 -15.74 17.14
C GLN A 54 -23.86 -15.02 17.00
N ASN A 55 -24.11 -14.05 17.89
CA ASN A 55 -25.32 -13.18 17.86
C ASN A 55 -25.48 -12.43 16.52
N VAL A 56 -24.40 -12.20 15.82
CA VAL A 56 -24.52 -11.43 14.62
C VAL A 56 -24.88 -12.33 13.48
N GLN A 57 -24.12 -13.43 13.40
CA GLN A 57 -24.36 -14.49 12.42
C GLN A 57 -25.80 -14.96 12.54
N SER A 58 -26.25 -14.99 13.78
CA SER A 58 -27.53 -15.53 14.15
C SER A 58 -28.60 -14.63 13.63
N TYR A 59 -28.46 -13.32 13.89
CA TYR A 59 -29.39 -12.36 13.35
C TYR A 59 -29.46 -12.43 11.81
N HIS A 60 -28.30 -12.63 11.15
CA HIS A 60 -28.19 -12.64 9.71
C HIS A 60 -28.82 -13.87 9.13
N VAL A 61 -28.65 -15.02 9.80
CA VAL A 61 -29.06 -16.32 9.28
C VAL A 61 -30.52 -16.53 9.57
N ARG A 62 -30.89 -16.34 10.83
CA ARG A 62 -32.22 -16.61 11.31
C ARG A 62 -33.23 -15.46 10.98
N ASN A 63 -32.82 -14.19 11.08
CA ASN A 63 -33.76 -13.12 10.75
C ASN A 63 -33.73 -12.60 9.33
N LEU A 64 -32.55 -12.48 8.79
CA LEU A 64 -32.43 -11.96 7.47
C LEU A 64 -32.47 -13.06 6.37
N GLY A 65 -32.18 -14.32 6.74
CA GLY A 65 -32.23 -15.46 5.83
C GLY A 65 -31.02 -15.64 4.96
N TRP A 66 -29.91 -15.00 5.35
CA TRP A 66 -28.67 -15.10 4.57
C TRP A 66 -27.98 -16.44 4.74
N CYS A 67 -27.09 -16.80 3.83
CA CYS A 67 -26.49 -18.14 3.83
C CYS A 67 -25.55 -18.31 5.03
N ASP A 68 -25.22 -17.20 5.70
CA ASP A 68 -24.16 -17.08 6.76
C ASP A 68 -24.16 -15.65 7.24
N VAL A 69 -23.33 -15.32 8.25
CA VAL A 69 -23.02 -13.94 8.64
C VAL A 69 -22.55 -13.20 7.40
N GLY A 70 -23.06 -11.99 7.20
CA GLY A 70 -22.75 -11.24 5.99
C GLY A 70 -21.30 -10.83 5.82
N TYR A 71 -20.54 -10.71 6.92
CA TYR A 71 -19.22 -10.12 6.87
C TYR A 71 -18.19 -11.15 6.47
N ASN A 72 -17.21 -10.75 5.69
CA ASN A 72 -16.03 -11.62 5.47
C ASN A 72 -15.19 -11.88 6.71
N PHE A 73 -14.95 -10.82 7.48
CA PHE A 73 -14.31 -10.89 8.80
C PHE A 73 -14.97 -9.92 9.75
N LEU A 74 -15.04 -10.25 11.02
CA LEU A 74 -15.44 -9.28 12.05
C LEU A 74 -14.24 -8.97 12.92
N ILE A 75 -14.34 -7.89 13.71
CA ILE A 75 -13.21 -7.39 14.46
C ILE A 75 -13.67 -7.10 15.88
N GLY A 76 -12.97 -7.69 16.85
CA GLY A 76 -13.33 -7.45 18.25
C GLY A 76 -12.41 -6.45 18.96
N GLU A 77 -12.93 -5.78 19.97
CA GLU A 77 -12.10 -4.87 20.76
C GLU A 77 -11.21 -5.67 21.74
N ASP A 78 -11.23 -6.99 21.64
CA ASP A 78 -10.34 -7.86 22.34
C ASP A 78 -9.05 -8.02 21.56
N GLY A 79 -8.99 -7.33 20.41
CA GLY A 79 -7.88 -7.41 19.47
C GLY A 79 -7.78 -8.63 18.56
N LEU A 80 -8.88 -9.39 18.50
CA LEU A 80 -8.93 -10.57 17.66
C LEU A 80 -9.79 -10.39 16.39
N VAL A 81 -9.40 -11.01 15.30
CA VAL A 81 -10.13 -11.11 14.09
C VAL A 81 -10.96 -12.43 14.20
N TYR A 82 -12.26 -12.36 13.89
CA TYR A 82 -13.14 -13.49 13.79
C TYR A 82 -13.41 -13.82 12.33
N GLU A 83 -13.22 -15.08 11.95
CA GLU A 83 -13.43 -15.48 10.53
C GLU A 83 -14.95 -15.41 10.20
N GLY A 84 -15.30 -14.67 9.17
CA GLY A 84 -16.71 -14.55 8.72
C GLY A 84 -16.84 -15.55 7.58
N ARG A 85 -17.36 -15.10 6.43
CA ARG A 85 -17.29 -15.87 5.19
C ARG A 85 -15.89 -16.20 4.64
N GLY A 86 -14.87 -15.46 5.07
CA GLY A 86 -13.48 -15.71 4.68
C GLY A 86 -13.04 -14.93 3.45
N TRP A 87 -11.87 -15.26 2.93
CA TRP A 87 -11.32 -14.57 1.75
C TRP A 87 -11.99 -14.95 0.49
N ASN A 88 -12.63 -16.13 0.46
CA ASN A 88 -13.00 -16.75 -0.81
C ASN A 88 -14.44 -16.60 -1.27
N ILE A 89 -15.34 -16.33 -0.31
CA ILE A 89 -16.79 -16.33 -0.50
C ILE A 89 -17.38 -14.93 -0.50
N LYS A 90 -18.27 -14.61 -1.44
CA LYS A 90 -18.93 -13.31 -1.50
C LYS A 90 -19.72 -13.02 -0.25
N GLY A 91 -19.51 -11.85 0.35
CA GLY A 91 -20.28 -11.45 1.53
C GLY A 91 -21.58 -10.76 1.18
N ALA A 92 -22.33 -10.28 2.19
CA ALA A 92 -23.51 -9.44 2.08
C ALA A 92 -23.42 -8.31 3.08
N HIS A 93 -22.77 -7.22 2.72
CA HIS A 93 -22.43 -6.24 3.71
C HIS A 93 -22.49 -4.89 3.07
N ALA A 94 -22.49 -4.87 1.77
CA ALA A 94 -22.36 -3.61 1.07
C ALA A 94 -23.32 -3.44 -0.13
N GLY A 95 -24.24 -4.39 -0.30
CA GLY A 95 -25.24 -4.22 -1.33
C GLY A 95 -24.67 -4.72 -2.67
N PRO A 96 -25.53 -4.80 -3.74
CA PRO A 96 -25.28 -5.75 -4.86
C PRO A 96 -24.31 -5.22 -5.87
N THR A 97 -24.03 -3.93 -5.79
CA THR A 97 -22.88 -3.42 -6.57
C THR A 97 -21.54 -3.86 -5.95
N TRP A 98 -21.39 -3.67 -4.63
CA TRP A 98 -20.11 -3.84 -3.96
C TRP A 98 -19.83 -5.28 -3.43
N ASN A 99 -20.85 -5.96 -2.91
CA ASN A 99 -20.71 -7.34 -2.41
C ASN A 99 -19.88 -8.25 -3.34
N PRO A 100 -20.09 -8.19 -4.68
CA PRO A 100 -19.35 -9.11 -5.56
C PRO A 100 -17.90 -8.76 -5.85
N ILE A 101 -17.46 -7.54 -5.52
CA ILE A 101 -16.10 -7.05 -5.86
C ILE A 101 -15.30 -6.57 -4.59
N SER A 102 -15.84 -6.86 -3.40
CA SER A 102 -15.15 -6.47 -2.19
C SER A 102 -14.98 -7.54 -1.06
N ILE A 103 -14.03 -7.29 -0.16
CA ILE A 103 -13.99 -7.97 1.11
C ILE A 103 -14.60 -7.01 2.11
N GLY A 104 -15.66 -7.43 2.84
CA GLY A 104 -16.27 -6.65 3.93
C GLY A 104 -15.81 -7.03 5.37
N ILE A 105 -15.16 -6.10 6.03
CA ILE A 105 -14.75 -6.37 7.40
C ILE A 105 -15.58 -5.44 8.24
N SER A 106 -16.07 -5.97 9.38
CA SER A 106 -16.87 -5.17 10.25
C SER A 106 -16.30 -5.11 11.68
N PHE A 107 -16.10 -3.92 12.25
CA PHE A 107 -15.85 -3.84 13.73
C PHE A 107 -17.14 -4.08 14.45
N MET A 108 -17.10 -4.96 15.44
CA MET A 108 -18.26 -5.28 16.29
C MET A 108 -18.48 -4.16 17.33
N GLY A 109 -19.46 -3.29 17.09
CA GLY A 109 -19.92 -2.35 18.11
C GLY A 109 -20.38 -1.12 17.37
N ASN A 110 -20.78 -0.10 18.11
CA ASN A 110 -21.16 1.18 17.51
C ASN A 110 -20.12 2.33 17.66
N TYR A 111 -19.57 2.79 16.54
CA TYR A 111 -18.50 3.74 16.52
C TYR A 111 -18.83 5.17 16.10
N MET A 112 -20.02 5.60 16.47
CA MET A 112 -20.42 6.97 16.20
C MET A 112 -19.80 7.95 17.22
N ASN A 113 -19.88 7.60 18.53
CA ASN A 113 -19.34 8.46 19.58
C ASN A 113 -18.09 7.90 20.32
N ARG A 114 -17.59 6.74 19.88
CA ARG A 114 -16.37 6.16 20.44
C ARG A 114 -15.48 5.56 19.36
N VAL A 115 -14.21 5.36 19.66
CA VAL A 115 -13.32 4.69 18.72
C VAL A 115 -13.01 3.31 19.15
N PRO A 116 -12.67 2.44 18.17
CA PRO A 116 -12.17 1.13 18.58
C PRO A 116 -10.71 1.24 19.00
N PRO A 117 -10.32 0.51 20.07
CA PRO A 117 -8.96 0.50 20.62
C PRO A 117 -7.88 0.20 19.58
N PRO A 118 -6.65 0.69 19.82
CA PRO A 118 -5.53 0.47 18.93
C PRO A 118 -5.36 -0.98 18.52
N ARG A 119 -5.80 -1.90 19.36
CA ARG A 119 -5.52 -3.30 19.08
C ARG A 119 -6.42 -3.83 17.94
N ALA A 120 -7.65 -3.35 17.91
CA ALA A 120 -8.67 -3.64 16.87
C ALA A 120 -8.20 -3.10 15.55
N LEU A 121 -7.74 -1.85 15.58
CA LEU A 121 -7.20 -1.23 14.38
C LEU A 121 -6.05 -2.01 13.88
N ARG A 122 -5.16 -2.42 14.78
CA ARG A 122 -3.97 -3.18 14.37
C ARG A 122 -4.39 -4.50 13.75
N ALA A 123 -5.21 -5.23 14.47
CA ALA A 123 -5.73 -6.49 13.95
C ALA A 123 -6.35 -6.28 12.56
N ALA A 124 -7.05 -5.15 12.39
CA ALA A 124 -7.73 -4.96 11.10
C ALA A 124 -6.72 -4.76 10.01
N GLN A 125 -5.74 -3.94 10.28
CA GLN A 125 -4.78 -3.60 9.27
C GLN A 125 -3.93 -4.84 8.97
N ASN A 126 -3.69 -5.62 10.02
CA ASN A 126 -2.98 -6.86 9.92
C ASN A 126 -3.64 -7.84 9.05
N LEU A 127 -4.89 -8.14 9.38
CA LEU A 127 -5.73 -8.92 8.46
C LEU A 127 -5.44 -8.56 7.03
N LEU A 128 -5.45 -7.25 6.76
CA LEU A 128 -5.45 -6.75 5.40
C LEU A 128 -4.16 -7.03 4.67
N ALA A 129 -3.06 -6.82 5.39
CA ALA A 129 -1.75 -7.18 4.84
C ALA A 129 -1.72 -8.67 4.58
N CYS A 130 -2.28 -9.49 5.46
CA CYS A 130 -2.27 -10.91 5.18
C CYS A 130 -3.05 -11.22 3.87
N GLY A 131 -4.05 -10.37 3.59
CA GLY A 131 -4.89 -10.56 2.41
C GLY A 131 -4.09 -10.43 1.18
N VAL A 132 -3.28 -9.39 1.14
CA VAL A 132 -2.36 -9.19 0.08
C VAL A 132 -1.36 -10.36 -0.04
N ALA A 133 -0.75 -10.71 1.10
CA ALA A 133 0.27 -11.79 1.18
C ALA A 133 -0.31 -13.12 0.61
N LEU A 134 -1.54 -13.48 1.00
CA LEU A 134 -2.15 -14.65 0.41
C LEU A 134 -2.49 -14.48 -1.05
N GLY A 135 -2.63 -13.25 -1.52
CA GLY A 135 -3.09 -12.99 -2.90
C GLY A 135 -4.62 -12.99 -2.99
N ALA A 136 -5.29 -12.77 -1.86
CA ALA A 136 -6.75 -12.59 -1.80
C ALA A 136 -7.14 -11.14 -2.09
N LEU A 137 -6.26 -10.22 -1.67
CA LEU A 137 -6.38 -8.79 -2.03
C LEU A 137 -5.34 -8.40 -3.04
N ARG A 138 -5.64 -7.43 -3.87
CA ARG A 138 -4.60 -6.81 -4.71
C ARG A 138 -3.56 -6.13 -3.82
N SER A 139 -2.31 -6.01 -4.28
CA SER A 139 -1.36 -5.10 -3.53
C SER A 139 -1.76 -3.62 -3.57
N ASN A 140 -2.45 -3.23 -4.63
CA ASN A 140 -2.93 -1.84 -4.74
C ASN A 140 -4.38 -1.79 -4.36
N TYR A 141 -4.79 -2.63 -3.42
CA TYR A 141 -6.20 -2.64 -2.97
C TYR A 141 -6.57 -1.31 -2.41
N GLU A 142 -7.86 -1.06 -2.34
CA GLU A 142 -8.38 0.21 -1.84
C GLU A 142 -9.42 0.01 -0.80
N VAL A 143 -9.28 0.74 0.30
CA VAL A 143 -10.22 0.64 1.38
C VAL A 143 -11.35 1.66 1.29
N LYS A 144 -12.59 1.26 1.61
CA LYS A 144 -13.66 2.28 1.63
C LYS A 144 -14.45 2.11 2.86
N GLY A 145 -15.04 3.17 3.38
CA GLY A 145 -16.04 2.98 4.43
C GLY A 145 -17.38 2.51 3.85
N HIS A 146 -18.23 2.02 4.73
CA HIS A 146 -19.52 1.54 4.31
C HIS A 146 -20.36 2.69 3.67
N ARG A 147 -20.43 3.82 4.37
CA ARG A 147 -20.96 5.10 3.91
C ARG A 147 -20.47 5.68 2.57
N ASP A 148 -19.30 5.24 2.11
CA ASP A 148 -18.80 5.68 0.81
C ASP A 148 -19.49 5.01 -0.37
N VAL A 149 -20.07 3.84 -0.15
CA VAL A 149 -20.64 3.02 -1.22
C VAL A 149 -22.09 2.67 -0.98
N GLN A 150 -22.60 2.98 0.22
CA GLN A 150 -24.00 2.93 0.54
C GLN A 150 -24.33 4.04 1.50
N PRO A 151 -25.59 4.51 1.53
CA PRO A 151 -25.95 5.62 2.42
C PRO A 151 -26.38 5.14 3.82
N THR A 152 -25.56 5.47 4.82
CA THR A 152 -25.55 4.77 6.12
C THR A 152 -24.53 5.51 6.92
N LEU A 153 -24.65 5.46 8.25
CA LEU A 153 -23.66 6.09 9.11
C LEU A 153 -22.44 5.14 9.20
N SER A 154 -22.72 3.87 9.01
CA SER A 154 -21.69 2.87 9.17
C SER A 154 -20.50 3.33 8.36
N PRO A 155 -19.27 3.23 8.92
CA PRO A 155 -18.90 2.52 10.10
C PRO A 155 -18.86 3.36 11.35
N GLY A 156 -19.48 4.53 11.31
CA GLY A 156 -19.67 5.27 12.57
C GLY A 156 -18.69 6.41 12.53
N ASP A 157 -19.19 7.61 12.82
CA ASP A 157 -18.40 8.81 12.67
C ASP A 157 -16.94 8.74 13.16
N ARG A 158 -16.69 8.11 14.32
CA ARG A 158 -15.31 8.18 14.76
C ARG A 158 -14.39 7.25 14.04
N LEU A 159 -14.92 6.10 13.62
CA LEU A 159 -14.10 5.12 12.96
C LEU A 159 -13.87 5.51 11.52
N TYR A 160 -14.90 6.08 10.88
CA TYR A 160 -14.71 6.66 9.55
C TYR A 160 -13.55 7.65 9.57
N GLU A 161 -13.48 8.55 10.54
CA GLU A 161 -12.33 9.50 10.59
C GLU A 161 -10.97 8.78 10.58
N ILE A 162 -10.96 7.59 11.18
CA ILE A 162 -9.73 6.88 11.37
C ILE A 162 -9.32 6.28 10.08
N ILE A 163 -10.24 5.60 9.39
CA ILE A 163 -9.86 4.80 8.23
C ILE A 163 -9.54 5.73 7.06
N GLN A 164 -10.05 6.95 7.15
CA GLN A 164 -9.67 7.98 6.23
C GLN A 164 -8.15 8.13 6.15
N THR A 165 -7.45 7.87 7.26
CA THR A 165 -5.99 8.04 7.36
C THR A 165 -5.16 6.87 6.93
N TRP A 166 -5.79 5.72 6.68
CA TRP A 166 -5.09 4.51 6.23
C TRP A 166 -4.50 4.71 4.86
N SER A 167 -3.38 4.10 4.61
CA SER A 167 -2.62 4.26 3.36
C SER A 167 -3.41 3.88 2.11
N HIS A 168 -4.22 2.84 2.23
CA HIS A 168 -4.98 2.30 1.10
C HIS A 168 -6.37 2.89 0.95
N TYR A 169 -6.70 3.88 1.77
CA TYR A 169 -7.98 4.53 1.73
C TYR A 169 -8.23 5.52 0.58
N ARG A 170 -9.23 5.21 -0.23
CA ARG A 170 -9.65 6.03 -1.36
C ARG A 170 -11.19 6.14 -1.21
N ALA A 171 -11.68 7.37 -0.97
CA ALA A 171 -13.09 7.63 -0.72
C ALA A 171 -13.84 7.24 -1.99
N GLU B 1 4.49 6.07 10.81
CA GLU B 1 3.12 6.60 10.50
C GLU B 1 2.27 5.67 9.58
N ASP B 2 2.82 4.54 9.23
CA ASP B 2 2.17 3.61 8.29
C ASP B 2 1.38 2.50 9.03
N PRO B 3 0.80 1.53 8.28
CA PRO B 3 0.19 0.37 8.90
C PRO B 3 1.12 -0.27 9.94
N PRO B 4 0.54 -0.76 11.06
CA PRO B 4 1.32 -1.31 12.17
C PRO B 4 2.22 -2.47 11.72
N ALA B 5 3.13 -2.88 12.60
CA ALA B 5 3.97 -4.04 12.34
C ALA B 5 3.06 -5.33 12.18
N CYS B 6 3.56 -6.29 11.42
CA CYS B 6 2.93 -7.59 11.36
C CYS B 6 2.80 -8.03 12.82
N GLY B 7 1.96 -9.03 13.06
CA GLY B 7 1.97 -9.82 14.29
C GLY B 7 0.95 -9.34 15.30
N SER B 8 0.36 -8.18 15.01
CA SER B 8 -0.51 -7.53 15.97
C SER B 8 0.12 -7.52 17.35
N ILE B 9 1.29 -6.89 17.45
CA ILE B 9 2.00 -6.84 18.74
C ILE B 9 1.45 -5.68 19.57
N VAL B 10 0.99 -5.96 20.79
CA VAL B 10 0.73 -4.92 21.79
C VAL B 10 2.07 -4.23 22.09
N PRO B 11 2.23 -2.95 21.67
CA PRO B 11 3.52 -2.26 21.86
C PRO B 11 3.86 -2.00 23.34
N ARG B 12 5.16 -1.87 23.62
CA ARG B 12 5.60 -1.55 25.00
C ARG B 12 4.66 -0.67 25.80
N ARG B 13 4.51 0.59 25.39
CA ARG B 13 3.82 1.63 26.14
C ARG B 13 2.34 1.34 26.36
N GLU B 14 1.75 0.50 25.51
CA GLU B 14 0.34 0.12 25.65
C GLU B 14 0.13 -0.77 26.88
N TRP B 15 1.13 -1.58 27.24
CA TRP B 15 1.05 -2.32 28.51
C TRP B 15 1.74 -1.59 29.67
N ARG B 16 1.92 -0.28 29.51
CA ARG B 16 2.47 0.61 30.54
C ARG B 16 3.85 0.14 31.02
N ALA B 17 4.71 -0.17 30.06
CA ALA B 17 6.05 -0.66 30.32
C ALA B 17 6.97 0.43 30.86
N LEU B 18 7.79 0.05 31.83
CA LEU B 18 8.91 0.88 32.25
C LEU B 18 9.85 0.89 31.08
N ALA B 19 10.59 1.97 30.89
CA ALA B 19 11.39 2.12 29.68
C ALA B 19 12.55 1.16 29.69
N SER B 20 12.95 0.71 28.51
CA SER B 20 14.08 -0.20 28.47
C SER B 20 15.35 0.57 28.77
N GLU B 21 16.36 -0.09 29.33
CA GLU B 21 17.70 0.46 29.41
C GLU B 21 18.71 -0.49 28.74
N CYS B 22 18.21 -1.58 28.11
CA CYS B 22 19.10 -2.54 27.44
C CYS B 22 19.63 -1.93 26.16
N ARG B 23 20.81 -2.36 25.73
CA ARG B 23 21.41 -1.77 24.42
C ARG B 23 22.18 -2.89 23.69
N GLU B 24 22.45 -4.07 24.27
CA GLU B 24 23.06 -5.14 23.49
C GLU B 24 22.10 -5.53 22.33
N ARG B 25 22.61 -5.44 21.11
CA ARG B 25 21.82 -5.75 19.96
C ARG B 25 22.01 -7.19 19.54
N LEU B 26 20.93 -7.85 19.11
CA LEU B 26 21.00 -9.14 18.43
C LEU B 26 21.29 -8.90 16.95
N THR B 27 22.14 -9.75 16.38
CA THR B 27 22.49 -9.61 14.96
C THR B 27 21.57 -10.45 14.07
N ARG B 28 20.62 -9.77 13.43
CA ARG B 28 19.63 -10.38 12.54
C ARG B 28 20.29 -10.96 11.28
N PRO B 29 19.71 -12.10 10.78
CA PRO B 29 18.57 -12.84 11.33
C PRO B 29 18.95 -13.92 12.35
N VAL B 30 18.10 -14.14 13.36
CA VAL B 30 18.42 -15.05 14.48
C VAL B 30 17.95 -16.47 14.15
N ARG B 31 18.75 -17.45 14.52
CA ARG B 31 18.48 -18.84 14.22
C ARG B 31 17.58 -19.56 15.16
N TYR B 32 17.82 -19.39 16.48
CA TYR B 32 17.01 -20.08 17.52
C TYR B 32 15.82 -19.30 18.12
N VAL B 33 14.82 -20.04 18.56
CA VAL B 33 13.70 -19.46 19.25
C VAL B 33 13.59 -20.37 20.42
N VAL B 34 13.45 -19.74 21.59
CA VAL B 34 13.29 -20.52 22.78
C VAL B 34 11.96 -20.26 23.42
N VAL B 35 11.26 -21.32 23.77
CA VAL B 35 9.97 -21.14 24.36
C VAL B 35 9.91 -21.46 25.88
N SER B 36 9.41 -20.51 26.65
CA SER B 36 9.41 -20.69 28.08
C SER B 36 8.01 -20.48 28.52
N HIS B 37 7.70 -20.81 29.77
CA HIS B 37 6.59 -20.21 30.45
C HIS B 37 7.11 -19.23 31.50
N THR B 38 6.22 -18.50 32.15
CA THR B 38 6.64 -17.48 33.10
C THR B 38 6.72 -18.13 34.48
N ALA B 39 5.82 -19.14 34.64
CA ALA B 39 5.43 -19.75 35.90
C ALA B 39 4.78 -18.73 36.78
N GLY B 40 4.40 -17.57 36.25
CA GLY B 40 3.60 -16.64 37.07
C GLY B 40 2.12 -16.88 36.95
N SER B 41 1.33 -15.85 37.25
CA SER B 41 -0.07 -15.98 37.16
C SER B 41 -0.46 -16.00 35.65
N HIS B 42 -1.71 -16.36 35.33
CA HIS B 42 -2.09 -16.28 33.91
C HIS B 42 -3.34 -15.44 33.77
N CYS B 43 -3.59 -15.04 32.54
CA CYS B 43 -4.48 -13.92 32.38
C CYS B 43 -5.25 -14.15 31.04
N ASP B 44 -6.53 -13.93 31.02
CA ASP B 44 -7.29 -14.18 29.80
C ASP B 44 -7.91 -12.96 29.14
N THR B 45 -7.72 -11.76 29.71
CA THR B 45 -8.18 -10.58 28.99
C THR B 45 -7.06 -9.55 28.65
N PRO B 46 -7.31 -8.61 27.73
CA PRO B 46 -6.26 -7.62 27.47
C PRO B 46 -5.93 -6.81 28.70
N ALA B 47 -6.94 -6.33 29.42
CA ALA B 47 -6.68 -5.67 30.69
C ALA B 47 -5.76 -6.56 31.60
N SER B 48 -6.10 -7.86 31.80
CA SER B 48 -5.44 -8.63 32.84
C SER B 48 -4.06 -9.04 32.36
N CYS B 49 -3.92 -9.27 31.06
CA CYS B 49 -2.61 -9.55 30.42
C CYS B 49 -1.63 -8.37 30.20
N ALA B 50 -2.11 -7.17 29.93
CA ALA B 50 -1.30 -5.96 30.13
C ALA B 50 -0.71 -5.96 31.55
N GLN B 51 -1.56 -6.12 32.56
CA GLN B 51 -1.15 -6.07 33.95
C GLN B 51 -0.13 -7.15 34.28
N GLN B 52 -0.31 -8.34 33.73
CA GLN B 52 0.56 -9.40 34.05
C GLN B 52 1.95 -9.15 33.44
N ALA B 53 1.99 -8.57 32.21
CA ALA B 53 3.29 -8.22 31.60
C ALA B 53 3.99 -7.16 32.43
N GLN B 54 3.24 -6.18 32.91
CA GLN B 54 3.73 -5.20 33.84
C GLN B 54 4.40 -5.83 35.01
N ASN B 55 3.65 -6.71 35.68
CA ASN B 55 4.16 -7.41 36.85
C ASN B 55 5.37 -8.28 36.55
N VAL B 56 5.44 -8.88 35.38
CA VAL B 56 6.59 -9.71 35.15
C VAL B 56 7.81 -8.80 35.03
N GLN B 57 7.66 -7.74 34.22
CA GLN B 57 8.77 -6.82 33.91
C GLN B 57 9.26 -6.05 35.16
N SER B 58 8.32 -5.65 36.00
CA SER B 58 8.58 -5.16 37.33
C SER B 58 9.46 -6.11 38.14
N TYR B 59 9.09 -7.38 38.21
CA TYR B 59 9.91 -8.32 38.92
C TYR B 59 11.33 -8.35 38.37
N HIS B 60 11.43 -8.40 37.04
CA HIS B 60 12.73 -8.42 36.42
C HIS B 60 13.53 -7.12 36.76
N VAL B 61 12.89 -5.95 36.68
CA VAL B 61 13.62 -4.67 36.72
C VAL B 61 13.97 -4.26 38.13
N ARG B 62 12.96 -4.16 39.00
CA ARG B 62 13.09 -3.68 40.35
C ARG B 62 13.81 -4.72 41.20
N ASN B 63 13.47 -6.01 41.04
CA ASN B 63 14.05 -7.07 41.92
C ASN B 63 15.32 -7.75 41.44
N LEU B 64 15.33 -8.19 40.19
CA LEU B 64 16.48 -8.79 39.65
C LEU B 64 17.50 -7.80 39.14
N GLY B 65 17.10 -6.56 38.89
CA GLY B 65 18.07 -5.52 38.50
C GLY B 65 18.42 -5.53 37.03
N TRP B 66 17.60 -6.23 36.21
CA TRP B 66 17.82 -6.27 34.73
C TRP B 66 17.43 -4.96 33.96
N CYS B 67 18.05 -4.78 32.80
CA CYS B 67 17.79 -3.59 31.95
C CYS B 67 16.33 -3.44 31.47
N ASP B 68 15.60 -4.57 31.40
CA ASP B 68 14.23 -4.65 30.94
C ASP B 68 13.71 -6.07 31.28
N VAL B 69 12.39 -6.29 31.12
CA VAL B 69 11.86 -7.61 31.06
C VAL B 69 12.75 -8.50 30.23
N GLY B 70 12.99 -9.71 30.72
CA GLY B 70 13.93 -10.61 30.10
C GLY B 70 13.60 -11.19 28.72
N TYR B 71 12.33 -11.48 28.52
CA TYR B 71 11.84 -12.09 27.29
C TYR B 71 11.71 -11.12 26.14
N ASN B 72 12.12 -11.54 24.95
CA ASN B 72 11.80 -10.81 23.69
C ASN B 72 10.32 -10.55 23.44
N PHE B 73 9.46 -11.51 23.79
CA PHE B 73 8.03 -11.30 23.64
C PHE B 73 7.34 -12.18 24.59
N LEU B 74 6.20 -11.70 25.11
CA LEU B 74 5.33 -12.46 25.99
C LEU B 74 4.04 -12.78 25.27
N ILE B 75 3.36 -13.87 25.67
CA ILE B 75 2.10 -14.29 25.04
C ILE B 75 1.02 -14.50 26.05
N GLY B 76 -0.07 -13.77 25.85
CA GLY B 76 -1.14 -13.81 26.84
C GLY B 76 -2.15 -14.90 26.54
N GLU B 77 -2.97 -15.27 27.51
CA GLU B 77 -4.05 -16.22 27.14
C GLU B 77 -5.20 -15.50 26.39
N ASP B 78 -5.15 -14.16 26.34
CA ASP B 78 -6.11 -13.31 25.61
C ASP B 78 -5.88 -13.45 24.10
N GLY B 79 -4.82 -14.13 23.69
CA GLY B 79 -4.49 -14.34 22.32
C GLY B 79 -3.67 -13.23 21.69
N LEU B 80 -3.01 -12.44 22.53
CA LEU B 80 -2.12 -11.34 22.07
C LEU B 80 -0.70 -11.58 22.41
N VAL B 81 0.19 -11.06 21.57
CA VAL B 81 1.59 -10.95 21.89
C VAL B 81 1.92 -9.55 22.52
N TYR B 82 2.78 -9.61 23.55
CA TYR B 82 3.24 -8.45 24.28
C TYR B 82 4.69 -8.28 24.01
N GLU B 83 5.00 -7.12 23.49
CA GLU B 83 6.37 -6.80 23.06
C GLU B 83 7.20 -6.69 24.35
N GLY B 84 8.27 -7.46 24.39
CA GLY B 84 9.22 -7.33 25.46
C GLY B 84 10.33 -6.53 24.88
N ARG B 85 11.48 -7.17 24.78
CA ARG B 85 12.69 -6.55 24.31
C ARG B 85 12.74 -6.54 22.76
N GLY B 86 11.82 -7.27 22.11
CA GLY B 86 11.56 -7.14 20.68
C GLY B 86 12.50 -7.91 19.79
N TRP B 87 12.48 -7.58 18.52
CA TRP B 87 13.29 -8.33 17.62
C TRP B 87 14.76 -7.96 17.76
N ASN B 88 15.14 -6.72 18.15
CA ASN B 88 16.56 -6.34 17.92
C ASN B 88 17.54 -6.30 19.08
N ILE B 89 16.97 -6.46 20.28
CA ILE B 89 17.68 -6.43 21.58
C ILE B 89 17.92 -7.83 22.17
N LYS B 90 19.16 -8.19 22.43
CA LYS B 90 19.43 -9.46 23.14
C LYS B 90 18.57 -9.49 24.41
N GLY B 91 17.87 -10.62 24.65
CA GLY B 91 17.07 -10.80 25.89
C GLY B 91 17.88 -11.49 26.96
N ALA B 92 17.28 -11.75 28.12
CA ALA B 92 17.87 -12.65 29.16
C ALA B 92 16.86 -13.73 29.57
N HIS B 93 16.86 -14.89 28.92
CA HIS B 93 15.72 -15.82 29.19
C HIS B 93 16.15 -17.29 29.23
N ALA B 94 17.30 -17.60 28.66
CA ALA B 94 17.72 -18.99 28.59
C ALA B 94 19.19 -19.15 28.96
N GLY B 95 19.73 -18.18 29.69
CA GLY B 95 21.17 -18.14 30.00
C GLY B 95 22.11 -17.65 28.90
N PRO B 96 23.43 -17.62 29.19
CA PRO B 96 24.47 -16.95 28.37
C PRO B 96 24.88 -17.67 27.13
N THR B 97 24.59 -18.97 27.08
CA THR B 97 24.80 -19.73 25.84
C THR B 97 23.63 -19.50 24.91
N TRP B 98 22.42 -19.39 25.46
CA TRP B 98 21.20 -19.26 24.64
C TRP B 98 20.65 -17.84 24.27
N ASN B 99 21.00 -16.85 25.07
CA ASN B 99 20.50 -15.48 24.87
C ASN B 99 21.03 -14.72 23.64
N PRO B 100 22.35 -14.86 23.33
CA PRO B 100 22.89 -14.11 22.20
C PRO B 100 22.58 -14.68 20.81
N ILE B 101 22.04 -15.90 20.76
CA ILE B 101 21.79 -16.58 19.49
C ILE B 101 20.30 -16.75 19.17
N SER B 102 19.44 -16.32 20.09
CA SER B 102 18.01 -16.61 19.97
C SER B 102 17.06 -15.47 20.32
N ILE B 103 15.79 -15.68 19.98
CA ILE B 103 14.68 -14.83 20.39
C ILE B 103 13.86 -15.62 21.40
N GLY B 104 13.70 -15.08 22.61
CA GLY B 104 12.98 -15.77 23.67
C GLY B 104 11.57 -15.28 23.74
N ILE B 105 10.60 -16.20 23.73
CA ILE B 105 9.19 -15.86 23.88
C ILE B 105 8.63 -16.67 25.02
N SER B 106 7.76 -16.09 25.81
CA SER B 106 7.32 -16.79 26.92
C SER B 106 5.85 -16.61 27.09
N PHE B 107 5.18 -17.74 27.39
CA PHE B 107 3.79 -17.79 27.72
C PHE B 107 3.56 -17.48 29.21
N MET B 108 2.58 -16.60 29.43
CA MET B 108 2.24 -16.08 30.69
C MET B 108 1.28 -17.03 31.44
N GLY B 109 1.87 -18.01 32.13
CA GLY B 109 1.24 -18.66 33.27
C GLY B 109 2.04 -19.89 33.57
N ASN B 110 1.43 -20.80 34.32
CA ASN B 110 2.05 -22.10 34.62
C ASN B 110 1.47 -23.20 33.74
N TYR B 111 2.27 -23.78 32.85
CA TYR B 111 1.66 -24.79 31.95
C TYR B 111 1.91 -26.27 32.32
N MET B 112 1.99 -26.57 33.62
CA MET B 112 2.26 -27.94 34.09
C MET B 112 0.98 -28.77 34.07
N ASN B 113 -0.11 -28.22 34.53
CA ASN B 113 -1.32 -28.97 34.53
C ASN B 113 -2.35 -28.27 33.70
N ARG B 114 -1.89 -27.45 32.74
CA ARG B 114 -2.80 -26.66 31.86
C ARG B 114 -2.21 -26.44 30.46
N VAL B 115 -3.02 -26.12 29.52
CA VAL B 115 -2.57 -25.72 28.19
C VAL B 115 -2.98 -24.29 27.88
N PRO B 116 -2.17 -23.54 27.11
CA PRO B 116 -2.65 -22.26 26.58
C PRO B 116 -3.71 -22.46 25.50
N PRO B 117 -4.70 -21.55 25.41
CA PRO B 117 -5.76 -21.79 24.44
C PRO B 117 -5.23 -21.79 23.04
N PRO B 118 -5.95 -22.40 22.06
CA PRO B 118 -5.51 -22.31 20.67
C PRO B 118 -5.14 -20.86 20.23
N ARG B 119 -5.87 -19.82 20.71
CA ARG B 119 -5.51 -18.42 20.31
C ARG B 119 -4.08 -17.98 20.72
N ALA B 120 -3.68 -18.39 21.93
CA ALA B 120 -2.33 -18.17 22.38
C ALA B 120 -1.33 -18.88 21.50
N LEU B 121 -1.59 -20.11 21.08
CA LEU B 121 -0.62 -20.80 20.23
C LEU B 121 -0.63 -20.14 18.84
N ARG B 122 -1.83 -19.79 18.33
CA ARG B 122 -1.93 -19.01 17.05
C ARG B 122 -1.06 -17.72 17.07
N ALA B 123 -1.14 -16.95 18.14
CA ALA B 123 -0.35 -15.72 18.28
C ALA B 123 1.12 -15.93 18.08
N ALA B 124 1.62 -16.98 18.73
CA ALA B 124 3.02 -17.32 18.75
C ALA B 124 3.51 -17.76 17.39
N GLN B 125 2.73 -18.58 16.71
CA GLN B 125 3.12 -19.05 15.38
C GLN B 125 3.12 -17.89 14.43
N ASN B 126 2.06 -17.10 14.52
CA ASN B 126 1.98 -15.83 13.82
C ASN B 126 3.16 -14.88 14.09
N LEU B 127 3.55 -14.73 15.37
CA LEU B 127 4.71 -13.94 15.75
C LEU B 127 5.95 -14.42 15.02
N LEU B 128 6.17 -15.73 15.08
CA LEU B 128 7.39 -16.29 14.51
C LEU B 128 7.53 -16.07 12.98
N ALA B 129 6.41 -16.22 12.23
CA ALA B 129 6.41 -15.97 10.78
C ALA B 129 6.62 -14.48 10.46
N CYS B 130 6.02 -13.62 11.30
CA CYS B 130 6.16 -12.17 11.19
C CYS B 130 7.58 -11.86 11.51
N GLY B 131 8.21 -12.76 12.26
CA GLY B 131 9.61 -12.64 12.51
C GLY B 131 10.32 -12.66 11.18
N VAL B 132 10.15 -13.77 10.47
CA VAL B 132 10.81 -14.02 9.18
C VAL B 132 10.52 -12.88 8.18
N ALA B 133 9.23 -12.57 8.05
CA ALA B 133 8.72 -11.47 7.25
C ALA B 133 9.44 -10.17 7.49
N LEU B 134 9.60 -9.80 8.75
CA LEU B 134 10.50 -8.70 9.09
C LEU B 134 11.94 -8.96 8.61
N GLY B 135 12.44 -10.17 8.79
CA GLY B 135 13.87 -10.42 8.54
C GLY B 135 14.67 -10.53 9.82
N ALA B 136 13.92 -10.48 10.93
CA ALA B 136 14.42 -10.70 12.28
C ALA B 136 14.81 -12.15 12.53
N LEU B 137 14.00 -13.08 12.00
CA LEU B 137 14.18 -14.53 12.17
C LEU B 137 14.70 -15.27 10.94
N ARG B 138 15.45 -16.33 11.16
CA ARG B 138 15.82 -17.22 10.05
C ARG B 138 14.57 -17.75 9.36
N SER B 139 14.58 -17.72 8.01
CA SER B 139 13.45 -18.29 7.24
C SER B 139 13.36 -19.75 7.66
N ASN B 140 14.53 -20.34 7.89
CA ASN B 140 14.65 -21.73 8.28
C ASN B 140 15.04 -21.90 9.77
N TYR B 141 14.30 -21.28 10.70
CA TYR B 141 14.69 -21.23 12.15
C TYR B 141 14.41 -22.50 12.86
N GLU B 142 15.01 -22.68 14.06
CA GLU B 142 14.71 -23.83 14.94
C GLU B 142 14.13 -23.37 16.26
N VAL B 143 13.09 -24.05 16.73
CA VAL B 143 12.44 -23.79 17.99
C VAL B 143 12.83 -24.85 19.05
N LYS B 144 13.14 -24.35 20.26
CA LYS B 144 13.62 -25.18 21.35
C LYS B 144 12.78 -24.81 22.52
N GLY B 145 12.48 -25.79 23.36
CA GLY B 145 11.77 -25.55 24.61
C GLY B 145 12.78 -25.09 25.67
N HIS B 146 12.32 -24.40 26.71
CA HIS B 146 13.21 -23.99 27.84
C HIS B 146 13.91 -25.21 28.55
N ARG B 147 13.08 -26.15 29.05
CA ARG B 147 13.55 -27.38 29.71
C ARG B 147 14.57 -28.10 28.82
N ASP B 148 14.71 -27.70 27.55
CA ASP B 148 15.73 -28.36 26.67
C ASP B 148 17.11 -27.84 26.70
N VAL B 149 17.30 -26.77 27.43
CA VAL B 149 18.50 -25.96 27.26
C VAL B 149 19.04 -25.51 28.60
N GLN B 150 18.19 -25.70 29.60
CA GLN B 150 18.43 -25.21 30.92
C GLN B 150 17.64 -26.08 31.85
N PRO B 151 18.27 -26.55 32.90
CA PRO B 151 17.51 -27.32 33.80
C PRO B 151 16.28 -26.53 34.16
N THR B 152 15.07 -26.96 33.73
CA THR B 152 13.86 -26.31 34.26
C THR B 152 12.60 -27.07 33.92
N LEU B 153 11.58 -26.86 34.75
CA LEU B 153 10.23 -27.35 34.45
C LEU B 153 9.54 -26.53 33.31
N SER B 154 9.90 -25.24 33.17
CA SER B 154 9.52 -24.39 32.00
C SER B 154 9.74 -25.09 30.64
N PRO B 155 8.75 -25.07 29.74
CA PRO B 155 7.50 -24.28 29.68
C PRO B 155 6.26 -24.93 30.25
N GLY B 156 6.46 -25.83 31.21
CA GLY B 156 5.36 -26.65 31.72
C GLY B 156 5.34 -27.99 30.98
N ASP B 157 4.55 -28.92 31.51
CA ASP B 157 4.44 -30.27 30.95
C ASP B 157 3.61 -30.21 29.67
N ARG B 158 2.41 -29.64 29.79
CA ARG B 158 1.42 -29.62 28.72
C ARG B 158 1.81 -28.74 27.53
N LEU B 159 2.35 -27.53 27.89
CA LEU B 159 2.81 -26.62 26.83
C LEU B 159 3.93 -27.32 26.06
N TYR B 160 4.80 -27.97 26.80
CA TYR B 160 6.01 -28.51 26.21
C TYR B 160 5.71 -29.70 25.22
N GLU B 161 4.80 -30.58 25.59
CA GLU B 161 4.38 -31.61 24.66
C GLU B 161 3.87 -30.91 23.35
N ILE B 162 2.94 -29.97 23.51
CA ILE B 162 2.39 -29.26 22.36
C ILE B 162 3.46 -28.79 21.38
N ILE B 163 4.47 -28.06 21.87
CA ILE B 163 5.44 -27.42 20.94
C ILE B 163 6.34 -28.37 20.30
N GLN B 164 6.31 -29.60 20.81
CA GLN B 164 7.09 -30.67 20.22
C GLN B 164 6.41 -31.12 18.94
N THR B 165 5.08 -30.94 18.89
CA THR B 165 4.28 -31.20 17.70
C THR B 165 4.37 -30.11 16.61
N TRP B 166 4.84 -28.90 16.98
CA TRP B 166 5.17 -27.86 15.97
C TRP B 166 6.20 -28.35 15.04
N SER B 167 6.12 -27.87 13.78
CA SER B 167 7.00 -28.30 12.71
C SER B 167 8.41 -27.90 12.92
N HIS B 168 8.64 -26.67 13.31
CA HIS B 168 9.96 -26.06 13.39
C HIS B 168 10.74 -26.52 14.62
N TYR B 169 10.10 -27.31 15.45
CA TYR B 169 10.67 -27.75 16.71
C TYR B 169 11.81 -28.72 16.57
N ARG B 170 12.98 -28.38 17.12
CA ARG B 170 14.19 -29.23 17.05
C ARG B 170 14.51 -30.06 18.28
N ALA B 171 14.99 -31.26 17.98
CA ALA B 171 15.62 -32.20 18.88
C ALA B 171 16.62 -31.56 19.90
N GLU C 1 -35.82 18.60 -23.68
CA GLU C 1 -35.53 17.14 -23.54
C GLU C 1 -34.73 16.59 -24.73
N ASP C 2 -34.14 17.49 -25.51
CA ASP C 2 -33.51 17.14 -26.79
C ASP C 2 -32.12 16.49 -26.67
N PRO C 3 -32.02 15.20 -27.06
CA PRO C 3 -30.76 14.51 -27.29
C PRO C 3 -30.52 14.23 -28.78
N PRO C 4 -29.35 14.64 -29.31
CA PRO C 4 -28.95 14.40 -30.69
C PRO C 4 -27.70 13.54 -30.81
N ALA C 5 -27.57 12.55 -31.78
CA ALA C 5 -26.28 12.06 -31.96
C ALA C 5 -26.01 11.59 -30.58
N CYS C 6 -24.74 11.53 -30.24
CA CYS C 6 -23.69 11.98 -31.16
C CYS C 6 -22.48 11.11 -31.27
N GLY C 7 -22.53 9.96 -30.60
CA GLY C 7 -21.39 9.10 -30.65
C GLY C 7 -21.30 8.40 -31.98
N SER C 8 -20.18 8.56 -32.72
CA SER C 8 -19.72 7.46 -33.59
C SER C 8 -18.60 6.79 -32.78
N ILE C 9 -18.77 6.88 -31.47
CA ILE C 9 -17.90 6.19 -30.56
C ILE C 9 -17.99 4.67 -30.76
N VAL C 10 -16.82 4.03 -30.88
CA VAL C 10 -16.61 2.56 -30.87
C VAL C 10 -16.69 2.11 -29.46
N PRO C 11 -17.70 1.31 -29.12
CA PRO C 11 -17.98 0.96 -27.71
C PRO C 11 -17.03 -0.11 -27.19
N ARG C 12 -16.77 -0.14 -25.90
CA ARG C 12 -15.78 -1.00 -25.34
C ARG C 12 -15.87 -2.38 -25.96
N ARG C 13 -17.09 -3.07 -25.84
CA ARG C 13 -17.32 -4.46 -26.26
C ARG C 13 -16.86 -4.72 -27.70
N GLU C 14 -16.86 -3.67 -28.53
CA GLU C 14 -16.45 -3.79 -29.92
C GLU C 14 -14.93 -3.85 -30.10
N TRP C 15 -14.19 -3.09 -29.31
CA TRP C 15 -12.72 -3.22 -29.32
C TRP C 15 -12.19 -4.27 -28.34
N ARG C 16 -13.10 -5.11 -27.84
CA ARG C 16 -12.77 -6.25 -26.98
C ARG C 16 -12.11 -5.84 -25.66
N ALA C 17 -12.60 -4.74 -25.09
CA ALA C 17 -12.14 -4.24 -23.81
C ALA C 17 -12.36 -5.27 -22.71
N LEU C 18 -11.37 -5.36 -21.81
CA LEU C 18 -11.60 -6.15 -20.59
C LEU C 18 -12.51 -5.32 -19.78
N ALA C 19 -13.21 -5.95 -18.86
CA ALA C 19 -14.31 -5.31 -18.17
C ALA C 19 -13.73 -4.48 -17.11
N SER C 20 -14.27 -3.28 -16.95
CA SER C 20 -13.71 -2.29 -16.08
C SER C 20 -14.03 -2.63 -14.63
N GLU C 21 -13.07 -2.37 -13.75
CA GLU C 21 -13.34 -2.43 -12.34
C GLU C 21 -13.64 -1.11 -11.70
N CYS C 22 -13.56 -0.01 -12.44
CA CYS C 22 -13.70 1.34 -11.76
C CYS C 22 -15.12 1.73 -11.38
N ARG C 23 -15.26 2.43 -10.27
CA ARG C 23 -16.57 2.74 -9.71
C ARG C 23 -16.73 4.21 -9.41
N GLU C 24 -15.63 4.95 -9.43
CA GLU C 24 -15.68 6.33 -9.03
C GLU C 24 -16.20 7.23 -10.19
N ARG C 25 -17.16 8.11 -9.87
CA ARG C 25 -17.83 8.94 -10.89
C ARG C 25 -17.40 10.40 -10.91
N LEU C 26 -17.39 10.98 -12.12
CA LEU C 26 -17.28 12.38 -12.36
C LEU C 26 -18.65 12.90 -12.17
N THR C 27 -18.79 14.20 -11.97
CA THR C 27 -20.10 14.76 -11.79
C THR C 27 -20.28 15.62 -13.04
N ARG C 28 -21.42 15.50 -13.72
CA ARG C 28 -21.64 16.32 -14.87
C ARG C 28 -22.34 17.65 -14.51
N PRO C 29 -22.12 18.72 -15.31
CA PRO C 29 -21.21 18.94 -16.45
C PRO C 29 -19.77 19.19 -15.97
N VAL C 30 -18.89 18.56 -16.71
CA VAL C 30 -17.48 18.49 -16.44
C VAL C 30 -16.82 19.68 -17.16
N ARG C 31 -16.02 20.39 -16.38
CA ARG C 31 -15.47 21.66 -16.79
C ARG C 31 -14.28 21.46 -17.65
N TYR C 32 -13.46 20.43 -17.38
CA TYR C 32 -12.18 20.36 -18.03
C TYR C 32 -11.91 19.13 -18.90
N VAL C 33 -11.22 19.35 -20.01
CA VAL C 33 -10.70 18.25 -20.85
C VAL C 33 -9.15 18.32 -20.90
N VAL C 34 -8.47 17.20 -20.60
CA VAL C 34 -7.04 17.16 -20.70
C VAL C 34 -6.57 16.27 -21.83
N VAL C 35 -5.81 16.83 -22.75
CA VAL C 35 -5.41 16.08 -23.93
C VAL C 35 -4.00 15.53 -23.84
N SER C 36 -3.88 14.22 -23.70
CA SER C 36 -2.64 13.49 -23.71
C SER C 36 -2.34 12.77 -25.02
N HIS C 37 -1.18 12.11 -25.11
CA HIS C 37 -0.92 11.10 -26.11
C HIS C 37 -0.45 9.86 -25.39
N THR C 38 -0.51 8.70 -26.05
CA THR C 38 -0.10 7.46 -25.44
C THR C 38 1.45 7.36 -25.41
N ALA C 39 2.11 8.22 -26.19
CA ALA C 39 3.52 8.13 -26.45
C ALA C 39 3.80 6.89 -27.26
N GLY C 40 2.73 6.19 -27.63
CA GLY C 40 2.84 4.85 -28.25
C GLY C 40 2.87 4.74 -29.79
N SER C 41 2.80 3.50 -30.26
CA SER C 41 2.71 3.29 -31.69
C SER C 41 1.33 3.75 -32.04
N HIS C 42 1.20 4.27 -33.25
CA HIS C 42 -0.07 4.72 -33.79
C HIS C 42 -0.66 3.58 -34.67
N CYS C 43 -1.91 3.77 -35.07
CA CYS C 43 -2.66 2.76 -35.75
C CYS C 43 -3.63 3.47 -36.71
N ASP C 44 -3.71 3.09 -37.97
CA ASP C 44 -4.64 3.77 -38.88
C ASP C 44 -5.79 2.90 -39.45
N THR C 45 -6.06 1.76 -38.85
CA THR C 45 -7.18 0.93 -39.33
C THR C 45 -8.03 0.55 -38.15
N PRO C 46 -9.36 0.52 -38.40
CA PRO C 46 -10.26 0.15 -37.36
C PRO C 46 -9.81 -1.16 -36.73
N ALA C 47 -9.09 -2.01 -37.45
CA ALA C 47 -8.59 -3.27 -36.89
C ALA C 47 -7.33 -3.11 -36.00
N SER C 48 -6.29 -2.40 -36.48
CA SER C 48 -5.11 -2.18 -35.64
C SER C 48 -5.56 -1.32 -34.48
N CYS C 49 -6.25 -0.22 -34.77
CA CYS C 49 -6.73 0.71 -33.71
C CYS C 49 -7.56 0.06 -32.58
N ALA C 50 -8.40 -0.92 -32.93
CA ALA C 50 -9.07 -1.70 -31.89
C ALA C 50 -8.01 -2.48 -31.06
N GLN C 51 -7.11 -3.16 -31.77
CA GLN C 51 -6.01 -3.92 -31.18
C GLN C 51 -5.04 -3.06 -30.32
N GLN C 52 -4.86 -1.80 -30.68
CA GLN C 52 -4.05 -0.91 -29.90
C GLN C 52 -4.80 -0.46 -28.66
N ALA C 53 -6.11 -0.25 -28.78
CA ALA C 53 -6.90 0.12 -27.63
C ALA C 53 -6.77 -0.99 -26.61
N GLN C 54 -6.72 -2.23 -27.08
CA GLN C 54 -6.47 -3.39 -26.19
C GLN C 54 -5.15 -3.35 -25.47
N ASN C 55 -4.08 -3.16 -26.23
CA ASN C 55 -2.71 -3.12 -25.73
C ASN C 55 -2.49 -1.98 -24.77
N VAL C 56 -3.09 -0.84 -25.06
CA VAL C 56 -3.04 0.23 -24.13
C VAL C 56 -3.76 -0.09 -22.85
N GLN C 57 -4.98 -0.66 -22.93
CA GLN C 57 -5.69 -1.01 -21.66
C GLN C 57 -4.96 -2.17 -20.91
N SER C 58 -4.42 -3.10 -21.70
CA SER C 58 -3.65 -4.20 -21.21
C SER C 58 -2.44 -3.74 -20.39
N TYR C 59 -1.76 -2.67 -20.83
CA TYR C 59 -0.69 -2.04 -20.06
C TYR C 59 -1.23 -1.57 -18.72
N HIS C 60 -2.32 -0.83 -18.74
CA HIS C 60 -2.74 -0.17 -17.54
C HIS C 60 -3.27 -1.11 -16.47
N VAL C 61 -4.01 -2.12 -16.90
CA VAL C 61 -4.63 -3.07 -16.00
C VAL C 61 -3.73 -4.26 -15.60
N ARG C 62 -3.05 -4.86 -16.56
CA ARG C 62 -2.27 -6.09 -16.28
C ARG C 62 -0.97 -5.75 -15.64
N ASN C 63 -0.27 -4.76 -16.24
CA ASN C 63 1.05 -4.28 -15.81
C ASN C 63 0.91 -3.45 -14.56
N LEU C 64 0.03 -2.46 -14.62
CA LEU C 64 -0.02 -1.47 -13.58
C LEU C 64 -1.08 -1.78 -12.57
N GLY C 65 -1.93 -2.79 -12.85
CA GLY C 65 -2.96 -3.18 -11.89
C GLY C 65 -4.06 -2.14 -11.62
N TRP C 66 -4.36 -1.34 -12.63
CA TRP C 66 -5.43 -0.35 -12.58
C TRP C 66 -6.83 -0.93 -12.91
N CYS C 67 -7.92 -0.34 -12.36
CA CYS C 67 -9.29 -0.79 -12.64
C CYS C 67 -9.67 -0.81 -14.11
N ASP C 68 -8.96 -0.04 -14.95
CA ASP C 68 -9.31 0.08 -16.39
C ASP C 68 -8.28 0.94 -17.04
N VAL C 69 -8.35 1.00 -18.37
CA VAL C 69 -7.59 1.95 -19.15
C VAL C 69 -7.80 3.33 -18.61
N GLY C 70 -6.72 4.10 -18.53
CA GLY C 70 -6.79 5.30 -17.68
C GLY C 70 -7.62 6.37 -18.30
N TYR C 71 -7.63 6.38 -19.62
CA TYR C 71 -8.35 7.45 -20.36
C TYR C 71 -9.88 7.29 -20.43
N ASN C 72 -10.62 8.39 -20.53
CA ASN C 72 -12.04 8.38 -20.71
C ASN C 72 -12.38 8.01 -22.16
N PHE C 73 -11.54 8.50 -23.08
CA PHE C 73 -11.65 8.16 -24.46
C PHE C 73 -10.31 8.16 -25.05
N LEU C 74 -10.13 7.34 -26.08
CA LEU C 74 -8.91 7.33 -26.89
C LEU C 74 -9.23 7.60 -28.35
N ILE C 75 -8.20 7.99 -29.11
CA ILE C 75 -8.40 8.51 -30.45
C ILE C 75 -7.40 7.82 -31.36
N GLY C 76 -7.93 7.08 -32.32
CA GLY C 76 -7.12 6.43 -33.33
C GLY C 76 -6.80 7.32 -34.50
N GLU C 77 -5.72 7.00 -35.17
CA GLU C 77 -5.48 7.59 -36.48
C GLU C 77 -6.46 7.08 -37.60
N ASP C 78 -7.40 6.19 -37.25
CA ASP C 78 -8.40 5.73 -38.21
C ASP C 78 -9.53 6.75 -38.33
N GLY C 79 -9.51 7.79 -37.49
CA GLY C 79 -10.64 8.75 -37.42
C GLY C 79 -11.74 8.36 -36.45
N LEU C 80 -11.57 7.27 -35.72
CA LEU C 80 -12.58 6.88 -34.75
C LEU C 80 -12.12 7.16 -33.32
N VAL C 81 -13.09 7.49 -32.47
CA VAL C 81 -13.00 7.50 -31.04
C VAL C 81 -13.32 6.14 -30.43
N TYR C 82 -12.47 5.75 -29.45
CA TYR C 82 -12.56 4.51 -28.76
C TYR C 82 -13.04 4.81 -27.37
N GLU C 83 -14.12 4.13 -26.96
CA GLU C 83 -14.62 4.34 -25.65
C GLU C 83 -13.63 3.81 -24.63
N GLY C 84 -13.21 4.65 -23.68
CA GLY C 84 -12.51 4.10 -22.51
C GLY C 84 -13.46 4.12 -21.35
N ARG C 85 -13.20 4.91 -20.34
CA ARG C 85 -14.05 4.97 -19.20
C ARG C 85 -15.26 5.84 -19.45
N GLY C 86 -15.35 6.47 -20.59
CA GLY C 86 -16.61 7.15 -20.91
C GLY C 86 -16.76 8.46 -20.17
N TRP C 87 -17.95 8.96 -20.18
CA TRP C 87 -18.29 10.30 -19.80
C TRP C 87 -18.49 10.43 -18.31
N ASN C 88 -18.87 9.33 -17.61
CA ASN C 88 -19.27 9.44 -16.22
C ASN C 88 -18.28 8.82 -15.18
N ILE C 89 -17.24 8.16 -15.60
CA ILE C 89 -16.35 7.47 -14.71
C ILE C 89 -15.05 8.34 -14.58
N LYS C 90 -14.61 8.62 -13.37
CA LYS C 90 -13.32 9.28 -13.20
C LYS C 90 -12.16 8.53 -13.85
N GLY C 91 -11.33 9.21 -14.63
CA GLY C 91 -10.23 8.51 -15.28
C GLY C 91 -8.96 8.71 -14.47
N ALA C 92 -7.85 8.12 -14.94
CA ALA C 92 -6.54 8.16 -14.24
C ALA C 92 -5.56 8.53 -15.28
N HIS C 93 -5.44 9.83 -15.57
CA HIS C 93 -4.69 10.21 -16.76
C HIS C 93 -3.87 11.47 -16.48
N ALA C 94 -4.33 12.25 -15.51
CA ALA C 94 -3.71 13.53 -15.18
C ALA C 94 -3.54 13.81 -13.67
N GLY C 95 -3.28 12.81 -12.84
CA GLY C 95 -3.09 13.04 -11.43
C GLY C 95 -4.35 13.41 -10.64
N PRO C 96 -4.22 13.55 -9.29
CA PRO C 96 -5.40 13.60 -8.34
C PRO C 96 -6.10 14.92 -8.18
N THR C 97 -5.48 16.00 -8.65
CA THR C 97 -6.14 17.29 -8.70
C THR C 97 -7.02 17.36 -9.98
N TRP C 98 -6.53 16.91 -11.13
CA TRP C 98 -7.26 17.04 -12.41
C TRP C 98 -8.13 15.83 -12.83
N ASN C 99 -7.79 14.62 -12.42
CA ASN C 99 -8.59 13.43 -12.74
C ASN C 99 -10.06 13.63 -12.36
N PRO C 100 -10.36 14.17 -11.16
CA PRO C 100 -11.78 14.23 -10.71
C PRO C 100 -12.68 15.35 -11.29
N ILE C 101 -12.09 16.29 -12.07
CA ILE C 101 -12.76 17.47 -12.54
C ILE C 101 -12.60 17.53 -14.05
N SER C 102 -12.05 16.50 -14.69
CA SER C 102 -11.79 16.57 -16.14
C SER C 102 -12.18 15.26 -16.86
N ILE C 103 -12.31 15.35 -18.19
CA ILE C 103 -12.25 14.22 -19.11
C ILE C 103 -10.89 14.19 -19.71
N GLY C 104 -10.25 13.04 -19.75
CA GLY C 104 -9.00 12.87 -20.43
C GLY C 104 -9.13 12.08 -21.73
N ILE C 105 -8.66 12.69 -22.82
CA ILE C 105 -8.60 12.01 -24.07
C ILE C 105 -7.20 11.89 -24.52
N SER C 106 -6.86 10.76 -25.11
CA SER C 106 -5.54 10.53 -25.49
C SER C 106 -5.48 10.07 -26.93
N PHE C 107 -4.57 10.65 -27.72
CA PHE C 107 -4.30 10.22 -29.08
C PHE C 107 -3.35 9.09 -29.10
N MET C 108 -3.79 8.00 -29.74
CA MET C 108 -3.03 6.78 -29.83
C MET C 108 -1.86 6.99 -30.76
N GLY C 109 -0.69 7.20 -30.19
CA GLY C 109 0.58 7.30 -30.95
C GLY C 109 1.58 8.22 -30.25
N ASN C 110 2.72 8.48 -30.87
CA ASN C 110 3.63 9.50 -30.30
C ASN C 110 3.76 10.73 -31.18
N TYR C 111 3.36 11.88 -30.64
CA TYR C 111 3.25 13.11 -31.41
C TYR C 111 4.28 14.21 -31.08
N MET C 112 5.41 13.78 -30.58
CA MET C 112 6.65 14.61 -30.58
C MET C 112 7.08 14.96 -32.01
N ASN C 113 7.13 13.94 -32.89
CA ASN C 113 7.59 14.14 -34.25
C ASN C 113 6.65 13.90 -35.49
N ARG C 114 5.35 13.63 -35.23
CA ARG C 114 4.23 13.64 -36.22
C ARG C 114 3.13 14.53 -35.71
N VAL C 115 2.36 15.11 -36.63
CA VAL C 115 1.04 15.64 -36.28
C VAL C 115 0.06 14.48 -36.47
N PRO C 116 -1.00 14.42 -35.64
CA PRO C 116 -2.02 13.41 -35.97
C PRO C 116 -2.78 13.83 -37.22
N PRO C 117 -3.26 12.85 -38.01
CA PRO C 117 -3.94 13.15 -39.28
C PRO C 117 -5.16 13.95 -38.98
N PRO C 118 -5.66 14.71 -39.95
CA PRO C 118 -6.78 15.62 -39.71
C PRO C 118 -8.07 14.98 -39.27
N ARG C 119 -8.27 13.72 -39.64
CA ARG C 119 -9.45 12.96 -39.26
C ARG C 119 -9.40 12.58 -37.81
N ALA C 120 -8.18 12.39 -37.30
CA ALA C 120 -8.00 12.14 -35.87
C ALA C 120 -8.46 13.37 -35.14
N LEU C 121 -8.02 14.54 -35.61
CA LEU C 121 -8.40 15.79 -34.99
C LEU C 121 -9.88 16.09 -35.14
N ARG C 122 -10.47 15.69 -36.28
CA ARG C 122 -11.90 15.94 -36.44
C ARG C 122 -12.65 15.04 -35.43
N ALA C 123 -12.20 13.80 -35.30
CA ALA C 123 -12.79 12.89 -34.29
C ALA C 123 -12.77 13.55 -32.89
N ALA C 124 -11.60 14.02 -32.46
CA ALA C 124 -11.49 14.70 -31.14
C ALA C 124 -12.36 15.92 -31.06
N GLN C 125 -12.39 16.77 -32.08
CA GLN C 125 -13.30 17.93 -31.99
C GLN C 125 -14.81 17.58 -31.92
N ASN C 126 -15.19 16.55 -32.64
CA ASN C 126 -16.57 16.09 -32.66
C ASN C 126 -16.94 15.36 -31.37
N LEU C 127 -15.96 14.67 -30.78
CA LEU C 127 -16.19 14.12 -29.42
C LEU C 127 -16.63 15.18 -28.51
N LEU C 128 -15.90 16.28 -28.51
CA LEU C 128 -16.03 17.24 -27.47
C LEU C 128 -17.35 17.99 -27.61
N ALA C 129 -17.71 18.29 -28.83
CA ALA C 129 -19.03 18.84 -29.11
C ALA C 129 -20.12 17.84 -28.69
N CYS C 130 -19.96 16.56 -29.01
CA CYS C 130 -20.93 15.55 -28.49
C CYS C 130 -21.12 15.79 -26.95
N GLY C 131 -20.00 15.91 -26.22
CA GLY C 131 -20.02 15.99 -24.79
C GLY C 131 -20.84 17.14 -24.31
N VAL C 132 -20.74 18.27 -25.03
CA VAL C 132 -21.51 19.45 -24.73
C VAL C 132 -22.97 19.16 -25.03
N ALA C 133 -23.25 18.52 -26.16
CA ALA C 133 -24.62 18.27 -26.54
C ALA C 133 -25.35 17.34 -25.56
N LEU C 134 -24.61 16.38 -25.01
CA LEU C 134 -25.11 15.48 -23.97
C LEU C 134 -25.32 16.15 -22.66
N GLY C 135 -24.63 17.25 -22.41
CA GLY C 135 -24.54 17.80 -21.06
C GLY C 135 -23.44 17.10 -20.21
N ALA C 136 -22.53 16.40 -20.84
CA ALA C 136 -21.38 15.80 -20.15
C ALA C 136 -20.31 16.85 -19.85
N LEU C 137 -20.18 17.83 -20.74
CA LEU C 137 -19.19 18.91 -20.64
C LEU C 137 -19.92 20.23 -20.51
N ARG C 138 -19.31 21.18 -19.84
CA ARG C 138 -19.85 22.50 -19.81
C ARG C 138 -19.78 23.08 -21.21
N SER C 139 -20.78 23.85 -21.64
CA SER C 139 -20.72 24.50 -22.97
C SER C 139 -19.37 25.30 -23.16
N ASN C 140 -18.93 26.00 -22.11
CA ASN C 140 -17.64 26.66 -22.16
C ASN C 140 -16.57 25.91 -21.43
N TYR C 141 -16.32 24.67 -21.79
CA TYR C 141 -15.28 23.87 -21.15
C TYR C 141 -13.92 24.38 -21.54
N GLU C 142 -12.91 23.97 -20.77
CA GLU C 142 -11.55 24.35 -21.07
C GLU C 142 -10.70 23.11 -21.37
N VAL C 143 -9.78 23.23 -22.32
CA VAL C 143 -8.94 22.15 -22.73
C VAL C 143 -7.52 22.44 -22.30
N LYS C 144 -6.78 21.42 -21.84
CA LYS C 144 -5.40 21.58 -21.40
C LYS C 144 -4.58 20.55 -22.02
N GLY C 145 -3.32 20.81 -22.32
CA GLY C 145 -2.37 19.72 -22.62
C GLY C 145 -1.95 18.89 -21.40
N HIS C 146 -1.69 17.60 -21.53
CA HIS C 146 -1.16 16.86 -20.41
C HIS C 146 0.05 17.63 -19.70
N ARG C 147 1.06 18.04 -20.50
CA ARG C 147 2.25 18.74 -19.97
C ARG C 147 1.89 20.05 -19.21
N ASP C 148 0.64 20.52 -19.25
CA ASP C 148 0.23 21.76 -18.62
C ASP C 148 -0.19 21.54 -17.21
N VAL C 149 -0.44 20.29 -16.88
CA VAL C 149 -1.00 19.96 -15.56
C VAL C 149 -0.19 18.87 -14.85
N GLN C 150 0.77 18.32 -15.57
CA GLN C 150 1.61 17.26 -15.12
C GLN C 150 2.86 17.43 -15.93
N PRO C 151 4.01 16.98 -15.40
CA PRO C 151 5.27 17.12 -16.04
C PRO C 151 5.47 15.98 -16.96
N THR C 152 5.35 16.26 -18.25
CA THR C 152 5.55 15.21 -19.25
C THR C 152 5.71 15.96 -20.56
N LEU C 153 6.23 15.26 -21.56
CA LEU C 153 6.20 15.72 -22.98
C LEU C 153 4.80 15.66 -23.65
N SER C 154 3.95 14.75 -23.12
CA SER C 154 2.56 14.60 -23.52
C SER C 154 1.79 15.92 -23.54
N PRO C 155 1.15 16.26 -24.68
CA PRO C 155 0.83 15.36 -25.79
C PRO C 155 1.68 15.34 -27.04
N GLY C 156 2.93 15.83 -26.94
CA GLY C 156 3.84 15.83 -28.06
C GLY C 156 3.79 17.25 -28.53
N ASP C 157 5.00 17.75 -28.89
CA ASP C 157 5.24 19.12 -29.39
C ASP C 157 4.23 19.52 -30.48
N ARG C 158 4.10 18.66 -31.51
CA ARG C 158 3.23 18.94 -32.67
C ARG C 158 1.79 19.00 -32.29
N LEU C 159 1.31 17.92 -31.71
CA LEU C 159 -0.03 17.86 -31.15
C LEU C 159 -0.26 19.00 -30.18
N TYR C 160 0.72 19.27 -29.30
CA TYR C 160 0.57 20.38 -28.34
C TYR C 160 0.46 21.72 -29.03
N GLU C 161 1.28 21.87 -30.05
CA GLU C 161 1.26 23.06 -30.87
C GLU C 161 -0.17 23.24 -31.50
N ILE C 162 -0.85 22.15 -31.81
CA ILE C 162 -2.21 22.29 -32.36
C ILE C 162 -3.20 22.66 -31.33
N ILE C 163 -3.26 22.00 -30.24
CA ILE C 163 -4.30 22.23 -29.21
C ILE C 163 -4.26 23.63 -28.59
N GLN C 164 -3.09 24.27 -28.64
CA GLN C 164 -2.93 25.72 -28.20
C GLN C 164 -3.79 26.66 -29.04
N THR C 165 -4.12 26.23 -30.26
CA THR C 165 -4.97 27.03 -31.15
C THR C 165 -6.47 26.88 -30.93
N TRP C 166 -6.91 25.83 -30.23
CA TRP C 166 -8.33 25.53 -30.06
C TRP C 166 -9.06 26.60 -29.31
N SER C 167 -10.26 26.80 -29.76
CA SER C 167 -11.13 27.78 -29.19
C SER C 167 -11.33 27.58 -27.70
N HIS C 168 -11.28 26.33 -27.22
CA HIS C 168 -11.67 26.07 -25.84
C HIS C 168 -10.40 25.95 -25.03
N TYR C 169 -9.24 26.08 -25.70
CA TYR C 169 -7.97 26.00 -25.00
C TYR C 169 -7.80 27.09 -23.98
N ARG C 170 -7.01 26.81 -22.95
CA ARG C 170 -6.85 27.77 -21.86
C ARG C 170 -5.55 27.46 -21.16
N ALA C 171 -4.66 28.44 -21.31
CA ALA C 171 -3.37 28.55 -20.59
C ALA C 171 -3.32 27.66 -19.35
N GLU D 1 33.26 5.31 13.08
CA GLU D 1 31.78 5.11 13.04
C GLU D 1 31.11 6.48 12.85
N ASP D 2 31.46 7.13 11.75
CA ASP D 2 30.85 8.38 11.30
C ASP D 2 29.33 8.24 11.17
N PRO D 3 28.57 8.98 12.00
CA PRO D 3 27.11 9.01 11.93
C PRO D 3 26.51 9.32 10.54
N PRO D 4 27.24 10.08 9.68
CA PRO D 4 26.84 10.21 8.28
C PRO D 4 27.94 9.83 7.28
N ALA D 5 28.14 8.54 7.04
CA ALA D 5 29.27 8.09 6.22
C ALA D 5 28.99 8.00 4.73
N CYS D 6 28.31 8.99 4.15
CA CYS D 6 27.87 8.88 2.76
C CYS D 6 27.67 10.21 2.00
N GLY D 7 28.05 10.20 0.72
CA GLY D 7 27.41 11.05 -0.28
C GLY D 7 27.83 12.49 -0.34
N SER D 8 28.26 12.85 -1.54
CA SER D 8 28.34 14.28 -1.91
C SER D 8 27.00 14.64 -2.56
N ILE D 9 26.40 15.68 -2.09
CA ILE D 9 25.14 16.09 -2.65
C ILE D 9 25.23 17.60 -2.82
N VAL D 10 24.79 18.09 -3.99
CA VAL D 10 24.72 19.52 -4.27
C VAL D 10 23.49 20.04 -3.61
N PRO D 11 23.62 20.92 -2.61
CA PRO D 11 22.43 21.30 -1.94
C PRO D 11 21.67 22.41 -2.66
N ARG D 12 20.42 22.66 -2.25
CA ARG D 12 19.41 23.49 -2.95
C ARG D 12 20.06 24.86 -3.19
N ARG D 13 20.39 25.55 -2.10
CA ARG D 13 21.16 26.75 -2.10
C ARG D 13 22.15 26.75 -3.21
N GLU D 14 22.96 25.73 -3.31
CA GLU D 14 24.06 25.82 -4.25
C GLU D 14 23.61 25.79 -5.72
N TRP D 15 22.43 25.23 -5.96
CA TRP D 15 21.99 25.18 -7.35
C TRP D 15 20.97 26.27 -7.59
N ARG D 16 20.81 27.08 -6.54
CA ARG D 16 19.98 28.29 -6.52
C ARG D 16 18.49 27.95 -6.63
N ALA D 17 18.04 26.97 -5.83
CA ALA D 17 16.65 26.51 -5.85
C ALA D 17 15.81 27.53 -5.19
N LEU D 18 14.52 27.53 -5.52
CA LEU D 18 13.60 28.41 -4.85
C LEU D 18 13.30 27.73 -3.53
N ALA D 19 13.03 28.50 -2.50
CA ALA D 19 12.59 27.90 -1.24
C ALA D 19 11.34 26.99 -1.43
N SER D 20 11.44 25.76 -0.95
CA SER D 20 10.35 24.81 -0.96
C SER D 20 9.22 25.12 -0.01
N GLU D 21 7.98 24.94 -0.43
CA GLU D 21 6.87 25.05 0.52
C GLU D 21 6.09 23.77 0.81
N CYS D 22 6.71 22.63 0.53
CA CYS D 22 6.13 21.32 0.86
C CYS D 22 6.30 21.02 2.34
N ARG D 23 5.25 20.59 2.97
CA ARG D 23 5.39 20.15 4.32
C ARG D 23 5.19 18.65 4.53
N GLU D 24 4.46 17.96 3.66
CA GLU D 24 4.13 16.53 3.84
C GLU D 24 5.32 15.57 3.84
N ARG D 25 5.47 14.80 4.92
CA ARG D 25 6.68 13.96 5.14
C ARG D 25 6.55 12.52 4.72
N LEU D 26 7.65 11.91 4.40
CA LEU D 26 7.68 10.46 4.27
C LEU D 26 7.98 9.87 5.63
N THR D 27 7.85 8.54 5.70
CA THR D 27 8.12 7.78 6.92
C THR D 27 9.35 6.92 6.70
N ARG D 28 10.48 7.26 7.30
CA ARG D 28 11.63 6.40 7.20
C ARG D 28 11.49 5.13 8.11
N PRO D 29 12.14 4.01 7.74
CA PRO D 29 12.99 3.85 6.57
C PRO D 29 12.06 3.57 5.36
N VAL D 30 12.40 4.11 4.20
CA VAL D 30 11.48 4.14 3.07
C VAL D 30 11.74 2.94 2.24
N ARG D 31 10.64 2.29 1.70
CA ARG D 31 10.76 0.96 1.06
C ARG D 31 11.10 0.96 -0.41
N TYR D 32 10.56 1.95 -1.12
CA TYR D 32 10.61 1.97 -2.61
C TYR D 32 11.40 3.18 -3.19
N VAL D 33 12.16 2.89 -4.24
CA VAL D 33 12.70 3.94 -5.04
C VAL D 33 12.20 3.86 -6.45
N VAL D 34 11.69 4.97 -6.99
CA VAL D 34 11.30 5.01 -8.40
C VAL D 34 12.28 5.85 -9.22
N VAL D 35 12.86 5.26 -10.24
CA VAL D 35 13.77 5.96 -11.10
C VAL D 35 13.06 6.50 -12.35
N SER D 36 13.11 7.83 -12.56
CA SER D 36 12.58 8.50 -13.77
C SER D 36 13.69 9.15 -14.65
N HIS D 37 13.34 9.72 -15.76
CA HIS D 37 14.18 10.70 -16.40
C HIS D 37 13.42 11.99 -16.57
N THR D 38 14.09 13.11 -16.64
CA THR D 38 13.41 14.44 -16.81
C THR D 38 12.79 14.42 -18.23
N ALA D 39 13.45 13.77 -19.18
CA ALA D 39 12.97 13.70 -20.55
C ALA D 39 13.31 14.94 -21.39
N GLY D 40 13.90 16.00 -20.81
CA GLY D 40 14.43 17.12 -21.58
C GLY D 40 15.84 16.92 -22.14
N SER D 41 16.61 18.01 -22.11
CA SER D 41 18.05 17.96 -22.47
C SER D 41 18.89 17.58 -21.25
N HIS D 42 19.99 16.86 -21.48
CA HIS D 42 20.98 16.64 -20.41
C HIS D 42 21.95 17.82 -20.22
N CYS D 43 23.03 17.61 -19.46
CA CYS D 43 23.83 18.68 -18.88
C CYS D 43 25.06 18.06 -18.28
N ASP D 44 26.26 18.52 -18.66
CA ASP D 44 27.40 17.73 -18.21
C ASP D 44 28.59 18.45 -17.47
N THR D 45 28.27 19.54 -16.80
CA THR D 45 29.18 20.31 -16.08
C THR D 45 28.38 20.78 -14.90
N PRO D 46 29.06 21.08 -13.77
CA PRO D 46 28.30 21.54 -12.64
C PRO D 46 27.47 22.77 -12.92
N ALA D 47 28.02 23.73 -13.64
CA ALA D 47 27.25 24.97 -13.91
C ALA D 47 26.04 24.64 -14.83
N SER D 48 26.28 23.86 -15.89
CA SER D 48 25.17 23.47 -16.72
C SER D 48 24.13 22.70 -15.85
N CYS D 49 24.55 21.56 -15.22
CA CYS D 49 23.61 20.79 -14.33
C CYS D 49 22.89 21.58 -13.23
N ALA D 50 23.53 22.61 -12.72
CA ALA D 50 22.80 23.41 -11.71
C ALA D 50 21.77 24.32 -12.37
N GLN D 51 22.07 24.82 -13.57
CA GLN D 51 21.06 25.47 -14.41
C GLN D 51 19.84 24.55 -14.62
N GLN D 52 20.10 23.32 -15.08
CA GLN D 52 19.03 22.37 -15.39
C GLN D 52 18.13 22.03 -14.23
N ALA D 53 18.71 21.90 -13.05
CA ALA D 53 17.88 21.69 -11.88
C ALA D 53 17.01 22.90 -11.64
N GLN D 54 17.57 24.04 -11.97
CA GLN D 54 16.79 25.28 -11.74
C GLN D 54 15.54 25.34 -12.65
N ASN D 55 15.73 24.92 -13.90
CA ASN D 55 14.71 24.96 -14.97
C ASN D 55 13.56 23.97 -14.60
N VAL D 56 13.96 22.71 -14.41
CA VAL D 56 13.03 21.70 -13.81
C VAL D 56 12.17 22.21 -12.64
N GLN D 57 12.78 22.75 -11.60
CA GLN D 57 11.97 23.24 -10.51
C GLN D 57 10.99 24.37 -11.03
N SER D 58 11.46 25.07 -12.04
CA SER D 58 10.84 26.27 -12.60
C SER D 58 9.50 25.87 -13.27
N TYR D 59 9.60 24.89 -14.15
CA TYR D 59 8.46 24.10 -14.57
C TYR D 59 7.47 23.59 -13.51
N HIS D 60 7.96 22.84 -12.54
CA HIS D 60 7.05 22.29 -11.54
C HIS D 60 6.41 23.42 -10.66
N VAL D 61 7.17 24.46 -10.34
CA VAL D 61 6.62 25.47 -9.41
C VAL D 61 5.92 26.64 -10.11
N ARG D 62 6.62 27.26 -11.09
CA ARG D 62 6.10 28.38 -11.91
C ARG D 62 4.88 27.92 -12.73
N ASN D 63 5.05 26.93 -13.58
CA ASN D 63 3.96 26.47 -14.42
C ASN D 63 2.90 25.62 -13.78
N LEU D 64 3.32 24.58 -13.10
CA LEU D 64 2.43 23.53 -12.59
C LEU D 64 2.00 23.92 -11.20
N GLY D 65 2.61 24.94 -10.61
CA GLY D 65 2.11 25.45 -9.28
C GLY D 65 2.38 24.55 -8.08
N TRP D 66 3.28 23.58 -8.22
CA TRP D 66 3.68 22.72 -7.10
C TRP D 66 4.41 23.47 -6.01
N CYS D 67 4.55 22.80 -4.86
CA CYS D 67 5.15 23.40 -3.67
C CYS D 67 6.70 23.39 -3.82
N ASP D 68 7.22 22.45 -4.59
CA ASP D 68 8.62 22.37 -4.85
C ASP D 68 8.82 21.52 -6.08
N VAL D 69 10.06 21.43 -6.57
CA VAL D 69 10.41 20.51 -7.65
C VAL D 69 9.86 19.13 -7.23
N GLY D 70 9.48 18.28 -8.18
CA GLY D 70 8.73 17.07 -7.86
C GLY D 70 9.59 15.98 -7.21
N TYR D 71 10.86 15.92 -7.62
CA TYR D 71 11.74 14.80 -7.36
C TYR D 71 12.47 14.92 -6.05
N ASN D 72 12.70 13.80 -5.38
CA ASN D 72 13.52 13.81 -4.15
C ASN D 72 14.98 14.17 -4.46
N PHE D 73 15.51 13.67 -5.57
CA PHE D 73 16.86 13.96 -6.00
C PHE D 73 16.94 13.88 -7.52
N LEU D 74 17.86 14.62 -8.16
CA LEU D 74 18.05 14.55 -9.59
C LEU D 74 19.50 14.13 -9.82
N ILE D 75 19.83 13.53 -10.93
CA ILE D 75 21.15 13.03 -11.16
C ILE D 75 21.73 13.63 -12.43
N GLY D 76 22.75 14.44 -12.30
CA GLY D 76 23.38 15.05 -13.47
C GLY D 76 24.38 14.17 -14.11
N GLU D 77 24.59 14.38 -15.41
CA GLU D 77 25.72 13.76 -16.13
C GLU D 77 27.08 14.44 -15.76
N ASP D 78 27.13 15.52 -14.95
CA ASP D 78 28.41 16.00 -14.38
C ASP D 78 28.78 15.00 -13.30
N GLY D 79 27.79 14.18 -12.92
CA GLY D 79 27.98 13.00 -12.06
C GLY D 79 27.92 13.36 -10.61
N LEU D 80 27.25 14.47 -10.33
CA LEU D 80 26.81 14.93 -9.00
C LEU D 80 25.28 14.62 -8.81
N VAL D 81 24.77 14.75 -7.57
CA VAL D 81 23.41 14.54 -7.19
C VAL D 81 22.96 15.86 -6.73
N TYR D 82 21.75 16.25 -7.07
CA TYR D 82 21.25 17.52 -6.73
C TYR D 82 20.11 17.22 -5.74
N GLU D 83 20.12 17.90 -4.61
CA GLU D 83 19.07 17.78 -3.68
C GLU D 83 17.81 18.23 -4.35
N GLY D 84 16.78 17.36 -4.36
CA GLY D 84 15.40 17.83 -4.73
C GLY D 84 14.72 17.99 -3.39
N ARG D 85 13.56 17.34 -3.15
CA ARG D 85 12.86 17.53 -1.87
C ARG D 85 13.57 16.66 -0.78
N GLY D 86 14.42 15.74 -1.23
CA GLY D 86 15.25 15.02 -0.28
C GLY D 86 14.64 13.80 0.38
N TRP D 87 15.27 13.29 1.43
CA TRP D 87 14.90 12.00 2.01
C TRP D 87 13.60 11.99 2.79
N ASN D 88 13.23 13.15 3.33
CA ASN D 88 12.15 13.28 4.32
C ASN D 88 10.81 13.80 3.87
N ILE D 89 10.79 14.39 2.68
CA ILE D 89 9.60 15.08 2.15
C ILE D 89 8.99 14.33 0.96
N LYS D 90 7.66 14.12 1.02
CA LYS D 90 6.97 13.40 -0.04
C LYS D 90 7.14 14.15 -1.35
N GLY D 91 7.61 13.44 -2.38
CA GLY D 91 7.69 13.99 -3.70
C GLY D 91 6.43 13.79 -4.53
N ALA D 92 6.50 14.34 -5.75
CA ALA D 92 5.40 14.25 -6.73
C ALA D 92 6.05 13.86 -8.01
N HIS D 93 6.19 12.57 -8.23
CA HIS D 93 6.94 12.10 -9.38
C HIS D 93 6.32 10.80 -9.92
N ALA D 94 5.42 10.18 -9.13
CA ALA D 94 4.85 8.88 -9.54
C ALA D 94 3.39 8.54 -9.10
N GLY D 95 2.60 9.57 -8.91
CA GLY D 95 1.20 9.39 -8.69
C GLY D 95 0.89 9.27 -7.21
N PRO D 96 -0.41 9.41 -6.84
CA PRO D 96 -0.86 9.51 -5.48
C PRO D 96 -0.69 8.22 -4.70
N THR D 97 -0.36 7.13 -5.44
CA THR D 97 -0.15 5.82 -4.84
C THR D 97 1.30 5.63 -4.41
N TRP D 98 2.22 5.79 -5.35
CA TRP D 98 3.68 5.63 -5.07
C TRP D 98 4.41 6.80 -4.32
N ASN D 99 4.00 8.05 -4.56
CA ASN D 99 4.55 9.22 -3.90
C ASN D 99 4.68 9.12 -2.37
N PRO D 100 3.59 8.77 -1.63
CA PRO D 100 3.77 8.78 -0.16
C PRO D 100 4.57 7.64 0.32
N ILE D 101 5.01 6.74 -0.55
CA ILE D 101 5.80 5.53 -0.01
C ILE D 101 7.17 5.26 -0.64
N SER D 102 7.70 6.21 -1.42
CA SER D 102 8.92 5.99 -2.21
C SER D 102 9.77 7.25 -2.17
N ILE D 103 10.88 7.17 -2.87
CA ILE D 103 11.80 8.24 -3.14
C ILE D 103 11.97 8.23 -4.66
N GLY D 104 11.67 9.36 -5.30
CA GLY D 104 11.86 9.47 -6.73
C GLY D 104 13.16 10.20 -7.03
N ILE D 105 14.01 9.50 -7.73
CA ILE D 105 15.14 10.09 -8.31
C ILE D 105 14.97 10.09 -9.83
N SER D 106 15.32 11.25 -10.38
CA SER D 106 15.20 11.52 -11.84
C SER D 106 16.58 11.81 -12.43
N PHE D 107 17.07 11.06 -13.38
CA PHE D 107 18.23 11.55 -14.18
C PHE D 107 17.82 12.68 -15.08
N MET D 108 18.62 13.73 -15.12
CA MET D 108 18.49 14.88 -15.99
C MET D 108 18.89 14.60 -17.45
N GLY D 109 17.89 14.47 -18.33
CA GLY D 109 18.17 14.14 -19.75
C GLY D 109 17.12 13.19 -20.31
N ASN D 110 17.45 12.47 -21.37
CA ASN D 110 16.52 11.64 -22.03
C ASN D 110 17.18 10.41 -22.46
N TYR D 111 16.76 9.30 -21.88
CA TYR D 111 17.49 8.08 -22.05
C TYR D 111 16.72 7.09 -22.87
N MET D 112 15.87 7.62 -23.76
CA MET D 112 15.16 6.74 -24.74
C MET D 112 16.15 5.98 -25.55
N ASN D 113 17.05 6.70 -26.20
CA ASN D 113 18.18 6.18 -26.95
C ASN D 113 19.60 6.58 -26.53
N ARG D 114 19.78 7.05 -25.30
CA ARG D 114 21.11 7.33 -24.76
C ARG D 114 21.26 6.84 -23.34
N VAL D 115 22.35 6.19 -23.02
CA VAL D 115 22.61 5.77 -21.63
C VAL D 115 23.21 6.90 -20.78
N PRO D 116 22.83 7.02 -19.48
CA PRO D 116 23.67 7.88 -18.63
C PRO D 116 25.16 7.47 -18.64
N PRO D 117 26.07 8.45 -18.48
CA PRO D 117 27.49 8.15 -18.37
C PRO D 117 27.77 7.40 -17.04
N PRO D 118 28.74 6.46 -17.04
CA PRO D 118 29.13 5.75 -15.75
C PRO D 118 29.10 6.66 -14.52
N ARG D 119 29.60 7.89 -14.60
CA ARG D 119 29.70 8.68 -13.38
C ARG D 119 28.31 9.01 -12.88
N ALA D 120 27.31 8.96 -13.76
CA ALA D 120 25.95 9.37 -13.31
C ALA D 120 25.24 8.13 -12.69
N LEU D 121 25.58 7.00 -13.24
CA LEU D 121 25.19 5.69 -12.73
C LEU D 121 25.76 5.43 -11.33
N ARG D 122 27.07 5.64 -11.15
CA ARG D 122 27.69 5.64 -9.81
C ARG D 122 27.04 6.69 -8.89
N ALA D 123 26.88 7.90 -9.37
CA ALA D 123 26.31 8.85 -8.44
C ALA D 123 24.97 8.25 -7.85
N ALA D 124 24.12 7.79 -8.74
CA ALA D 124 22.79 7.29 -8.39
C ALA D 124 22.86 6.06 -7.42
N GLN D 125 23.64 5.07 -7.78
CA GLN D 125 23.88 3.97 -6.84
C GLN D 125 24.53 4.27 -5.45
N ASN D 126 25.56 5.13 -5.47
CA ASN D 126 26.11 5.65 -4.22
C ASN D 126 25.07 6.39 -3.39
N LEU D 127 24.16 7.09 -4.05
CA LEU D 127 23.12 7.82 -3.38
C LEU D 127 22.17 6.85 -2.66
N LEU D 128 21.87 5.75 -3.32
CA LEU D 128 20.98 4.76 -2.71
C LEU D 128 21.69 4.11 -1.50
N ALA D 129 22.91 3.61 -1.68
CA ALA D 129 23.69 3.05 -0.58
C ALA D 129 23.74 4.01 0.57
N CYS D 130 23.80 5.29 0.28
CA CYS D 130 23.83 6.25 1.33
C CYS D 130 22.46 6.40 2.06
N GLY D 131 21.36 6.42 1.32
CA GLY D 131 20.04 6.32 1.95
C GLY D 131 19.87 5.16 2.93
N VAL D 132 20.34 3.98 2.55
CA VAL D 132 20.37 2.80 3.47
C VAL D 132 21.27 3.10 4.69
N ALA D 133 22.47 3.59 4.47
CA ALA D 133 23.43 3.91 5.53
C ALA D 133 22.83 4.88 6.53
N LEU D 134 21.95 5.74 6.04
CA LEU D 134 21.38 6.83 6.86
C LEU D 134 20.10 6.35 7.56
N GLY D 135 19.65 5.15 7.20
CA GLY D 135 18.32 4.71 7.65
C GLY D 135 17.15 5.40 6.88
N ALA D 136 17.42 6.02 5.73
CA ALA D 136 16.31 6.73 5.08
C ALA D 136 15.52 5.78 4.19
N LEU D 137 16.17 4.74 3.76
CA LEU D 137 15.59 3.67 2.94
C LEU D 137 15.87 2.39 3.64
N ARG D 138 15.03 1.39 3.43
CA ARG D 138 15.18 0.07 4.00
C ARG D 138 16.38 -0.64 3.46
N SER D 139 17.00 -1.42 4.35
CA SER D 139 18.13 -2.17 3.84
C SER D 139 17.79 -3.05 2.63
N ASN D 140 16.55 -3.53 2.57
CA ASN D 140 16.04 -4.19 1.37
C ASN D 140 14.97 -3.38 0.62
N TYR D 141 15.27 -2.12 0.32
CA TYR D 141 14.40 -1.27 -0.52
C TYR D 141 14.31 -1.82 -1.94
N GLU D 142 13.27 -1.44 -2.65
CA GLU D 142 13.11 -1.96 -4.01
C GLU D 142 13.13 -0.86 -5.05
N VAL D 143 13.78 -1.11 -6.19
CA VAL D 143 13.83 -0.08 -7.23
C VAL D 143 12.81 -0.37 -8.29
N LYS D 144 12.00 0.62 -8.63
CA LYS D 144 11.09 0.50 -9.76
C LYS D 144 11.49 1.52 -10.76
N GLY D 145 11.33 1.20 -12.04
CA GLY D 145 11.28 2.25 -13.06
C GLY D 145 9.98 3.01 -13.01
N HIS D 146 10.00 4.29 -13.33
CA HIS D 146 8.76 5.08 -13.49
C HIS D 146 7.61 4.29 -14.27
N ARG D 147 7.93 3.72 -15.41
CA ARG D 147 7.09 3.02 -16.30
C ARG D 147 6.50 1.77 -15.61
N ASP D 148 7.15 1.32 -14.55
CA ASP D 148 6.61 0.19 -13.84
C ASP D 148 5.38 0.64 -13.04
N VAL D 149 5.25 1.94 -12.72
CA VAL D 149 4.09 2.36 -11.89
C VAL D 149 3.24 3.46 -12.49
N GLN D 150 3.68 4.09 -13.54
CA GLN D 150 2.87 5.11 -14.14
C GLN D 150 2.93 4.86 -15.63
N PRO D 151 1.84 5.15 -16.37
CA PRO D 151 1.95 4.93 -17.79
C PRO D 151 2.85 5.98 -18.38
N THR D 152 4.05 5.59 -18.78
CA THR D 152 5.01 6.57 -19.27
C THR D 152 6.10 5.77 -19.88
N LEU D 153 6.97 6.44 -20.63
CA LEU D 153 8.14 5.78 -21.20
C LEU D 153 9.36 5.98 -20.28
N SER D 154 9.26 6.99 -19.41
CA SER D 154 10.28 7.28 -18.40
C SER D 154 10.58 6.04 -17.61
N PRO D 155 11.87 5.77 -17.35
CA PRO D 155 13.12 6.55 -17.50
C PRO D 155 13.87 6.40 -18.82
N GLY D 156 13.21 5.83 -19.81
CA GLY D 156 13.78 5.71 -21.17
C GLY D 156 14.32 4.32 -21.28
N ASP D 157 14.25 3.79 -22.50
CA ASP D 157 14.56 2.41 -22.78
C ASP D 157 15.93 2.04 -22.32
N ARG D 158 16.90 2.88 -22.63
CA ARG D 158 18.27 2.46 -22.32
C ARG D 158 18.50 2.50 -20.79
N LEU D 159 18.10 3.56 -20.10
CA LEU D 159 18.10 3.51 -18.63
C LEU D 159 17.24 2.39 -17.98
N TYR D 160 16.01 2.19 -18.47
CA TYR D 160 15.16 1.12 -17.91
C TYR D 160 15.92 -0.18 -17.93
N GLU D 161 16.52 -0.44 -19.09
CA GLU D 161 17.30 -1.62 -19.31
C GLU D 161 18.41 -1.79 -18.22
N ILE D 162 18.96 -0.68 -17.78
CA ILE D 162 20.08 -0.71 -16.86
C ILE D 162 19.67 -0.94 -15.44
N ILE D 163 18.65 -0.18 -15.00
CA ILE D 163 18.19 -0.29 -13.63
C ILE D 163 17.69 -1.70 -13.37
N GLN D 164 17.34 -2.42 -14.42
CA GLN D 164 16.73 -3.72 -14.25
C GLN D 164 17.69 -4.74 -13.71
N THR D 165 18.99 -4.52 -13.94
CA THR D 165 20.03 -5.43 -13.48
C THR D 165 20.45 -5.17 -12.09
N TRP D 166 20.09 -4.00 -11.57
CA TRP D 166 20.50 -3.53 -10.23
C TRP D 166 20.13 -4.53 -9.13
N SER D 167 20.89 -4.48 -8.05
CA SER D 167 20.71 -5.39 -6.91
C SER D 167 19.28 -5.42 -6.35
N HIS D 168 18.72 -4.23 -6.18
CA HIS D 168 17.43 -3.96 -5.59
C HIS D 168 16.28 -3.78 -6.57
N TYR D 169 16.52 -3.98 -7.84
CA TYR D 169 15.42 -3.82 -8.77
C TYR D 169 14.38 -4.97 -8.53
N ARG D 170 13.09 -4.61 -8.46
CA ARG D 170 11.98 -5.57 -8.30
C ARG D 170 10.77 -5.05 -9.07
N ALA D 171 10.35 -5.76 -10.12
CA ALA D 171 9.19 -5.28 -10.93
C ALA D 171 7.94 -6.00 -10.49
#